data_7K13
#
_entry.id   7K13
#
_cell.length_a   104.999
_cell.length_b   150.589
_cell.length_c   153.661
_cell.angle_alpha   90.000
_cell.angle_beta   90.000
_cell.angle_gamma   90.000
#
_symmetry.space_group_name_H-M   'C 2 2 21'
#
loop_
_entity.id
_entity.type
_entity.pdbx_description
1 polymer '2-amino-3-carboxymuconate 6-semialdehyde decarboxylase'
2 non-polymer 'ZINC ION'
3 non-polymer '2-hydroxy-5-(thiophen-3-yl)benzoic acid'
4 water water
#
_entity_poly.entity_id   1
_entity_poly.type   'polypeptide(L)'
_entity_poly.pdbx_seq_one_letter_code
;MGHHHHHHHHHHSSGHIEGRHMKKPRIDMHSHFFPRISEQEAAKFDANHAPWLQVSAKGDTGSIMMGKNNFRPVYQALWD
PAFRIEEMDAQGVDVQVTCATPVMFGYTWEANKAAQWAERMNDFALEFAAHNPQRIKVLAQVPLQDLDLACKEASRAVAA
GHLGIQIGNHLGDKDLDDATLEAFLTHCANEDIPILVHPWDMMGGQRMKKWMLPWLVAMPAETQLAILSLILSGAFERIP
KSLKICFGHGGGSFAFLLGRVDNAWRHRDIVREDCPRPPSEYVDRFFVDSAVFNPGALELLVSVMGEDRVMLGSDYPFPL
GEQKIGGLVLSSNLGESAKDKIISGNASKFFNINV
;
_entity_poly.pdbx_strand_id   A,B,C
#
loop_
_chem_comp.id
_chem_comp.type
_chem_comp.name
_chem_comp.formula
VR7 non-polymer '2-hydroxy-5-(thiophen-3-yl)benzoic acid' 'C11 H8 O3 S'
ZN non-polymer 'ZINC ION' 'Zn 2'
#
# COMPACT_ATOMS: atom_id res chain seq x y z
N PRO A 25 -13.48 9.31 -44.55
CA PRO A 25 -13.17 10.21 -43.44
C PRO A 25 -11.66 10.35 -43.23
N ARG A 26 -11.24 11.34 -42.45
CA ARG A 26 -9.83 11.61 -42.22
C ARG A 26 -9.56 11.86 -40.76
N ILE A 27 -8.62 11.11 -40.19
CA ILE A 27 -8.23 11.27 -38.79
C ILE A 27 -6.78 11.68 -38.76
N ASP A 28 -6.49 12.74 -38.02
CA ASP A 28 -5.12 13.19 -37.78
C ASP A 28 -4.82 12.90 -36.32
N MET A 29 -3.96 11.90 -36.06
CA MET A 29 -3.76 11.45 -34.68
C MET A 29 -2.51 12.03 -34.02
N HIS A 30 -1.84 13.00 -34.62
CA HIS A 30 -0.66 13.60 -33.99
C HIS A 30 -0.80 15.11 -34.04
N SER A 31 -1.21 15.69 -32.92
CA SER A 31 -1.35 17.15 -32.83
C SER A 31 -1.25 17.54 -31.37
N HIS A 32 -1.10 18.84 -31.12
CA HIS A 32 -0.89 19.33 -29.77
C HIS A 32 -1.86 20.45 -29.44
N PHE A 33 -2.08 20.63 -28.13
CA PHE A 33 -2.80 21.79 -27.60
C PHE A 33 -2.00 22.34 -26.43
N PHE A 34 -2.36 23.56 -26.02
CA PHE A 34 -1.82 24.14 -24.80
C PHE A 34 -2.98 24.89 -24.16
N PRO A 35 -3.20 24.75 -22.86
CA PRO A 35 -4.40 25.32 -22.25
C PRO A 35 -4.22 26.78 -21.85
N ARG A 36 -5.36 27.46 -21.67
CA ARG A 36 -5.37 28.83 -21.18
C ARG A 36 -5.06 28.85 -19.69
N ILE A 37 -3.79 28.56 -19.36
CA ILE A 37 -3.25 28.63 -18.00
C ILE A 37 -2.81 30.06 -17.73
N SER A 38 -3.25 30.62 -16.60
CA SER A 38 -2.79 31.96 -16.26
C SER A 38 -1.49 31.87 -15.47
N GLU A 39 -0.78 33.00 -15.41
CA GLU A 39 0.47 33.05 -14.65
C GLU A 39 0.26 32.66 -13.19
N GLN A 40 -0.82 33.15 -12.57
CA GLN A 40 -1.07 32.81 -11.17
C GLN A 40 -1.50 31.35 -11.04
N GLU A 41 -2.29 30.85 -11.98
CA GLU A 41 -2.61 29.43 -11.99
C GLU A 41 -1.34 28.59 -11.94
N ALA A 42 -0.41 28.88 -12.85
CA ALA A 42 0.82 28.10 -12.92
C ALA A 42 1.67 28.27 -11.65
N ALA A 43 1.65 29.46 -11.04
CA ALA A 43 2.48 29.69 -9.87
C ALA A 43 1.96 28.95 -8.64
N LYS A 44 0.67 28.58 -8.61
CA LYS A 44 0.19 27.75 -7.52
C LYS A 44 0.84 26.38 -7.53
N PHE A 45 1.45 25.99 -8.65
CA PHE A 45 2.28 24.78 -8.74
C PHE A 45 3.77 25.09 -8.66
N ASP A 46 4.25 25.98 -9.52
CA ASP A 46 5.67 26.30 -9.54
C ASP A 46 5.85 27.60 -10.30
N ALA A 47 6.16 28.67 -9.56
CA ALA A 47 6.34 29.96 -10.21
C ALA A 47 7.50 29.96 -11.19
N ASN A 48 8.47 29.06 -11.02
CA ASN A 48 9.64 29.08 -11.89
C ASN A 48 9.52 28.14 -13.08
N HIS A 49 8.88 26.98 -12.92
CA HIS A 49 8.93 25.97 -13.97
C HIS A 49 7.58 25.46 -14.47
N ALA A 50 6.47 25.91 -13.93
CA ALA A 50 5.19 25.54 -14.51
C ALA A 50 4.89 26.45 -15.69
N PRO A 51 4.65 25.92 -16.88
CA PRO A 51 4.37 26.77 -18.04
C PRO A 51 2.97 27.37 -18.00
N TRP A 52 2.81 28.52 -18.66
CA TRP A 52 1.52 29.18 -18.76
C TRP A 52 1.42 29.95 -20.07
N LEU A 53 0.20 30.37 -20.42
CA LEU A 53 -0.11 30.91 -21.74
C LEU A 53 -0.44 32.40 -21.64
N GLN A 54 0.29 33.20 -22.40
CA GLN A 54 0.06 34.65 -22.50
C GLN A 54 -0.44 34.95 -23.90
N VAL A 55 -1.75 35.16 -24.04
CA VAL A 55 -2.33 35.56 -25.32
C VAL A 55 -2.12 37.06 -25.51
N SER A 56 -1.01 37.44 -26.16
CA SER A 56 -0.43 38.79 -26.14
C SER A 56 -1.30 39.90 -26.72
N ALA A 57 -0.70 41.09 -26.90
CA ALA A 57 -1.46 42.31 -27.17
C ALA A 57 -2.24 42.22 -28.48
N LYS A 58 -1.62 41.66 -29.52
CA LYS A 58 -2.34 41.44 -30.76
C LYS A 58 -3.26 40.22 -30.70
N GLY A 59 -3.14 39.36 -29.67
CA GLY A 59 -4.08 38.30 -29.41
C GLY A 59 -4.03 37.10 -30.35
N ASP A 60 -3.43 37.31 -31.52
CA ASP A 60 -3.16 36.25 -32.47
C ASP A 60 -2.04 35.33 -32.00
N THR A 61 -1.17 35.85 -31.15
CA THR A 61 0.09 35.20 -30.84
C THR A 61 0.25 35.09 -29.34
N GLY A 62 0.89 34.01 -28.91
CA GLY A 62 1.19 33.82 -27.51
C GLY A 62 2.64 33.47 -27.35
N SER A 63 3.12 33.68 -26.14
CA SER A 63 4.22 32.91 -25.61
C SER A 63 3.63 31.88 -24.69
N ILE A 64 4.02 30.63 -24.86
CA ILE A 64 4.13 29.80 -23.69
C ILE A 64 5.22 30.45 -22.85
N MET A 65 4.93 30.71 -21.59
CA MET A 65 5.86 31.35 -20.68
C MET A 65 6.29 30.36 -19.62
N MET A 66 7.46 30.61 -19.03
CA MET A 66 7.90 29.87 -17.86
C MET A 66 8.32 30.89 -16.81
N GLY A 67 7.56 30.96 -15.72
CA GLY A 67 7.75 32.04 -14.78
C GLY A 67 7.36 33.36 -15.40
N LYS A 68 8.29 34.31 -15.47
CA LYS A 68 8.11 35.50 -16.27
C LYS A 68 9.00 35.54 -17.50
N ASN A 69 9.93 34.58 -17.64
CA ASN A 69 10.66 34.44 -18.89
C ASN A 69 9.74 33.95 -20.00
N ASN A 70 10.12 34.24 -21.24
CA ASN A 70 9.45 33.66 -22.38
C ASN A 70 10.05 32.29 -22.68
N PHE A 71 9.17 31.31 -22.94
CA PHE A 71 9.65 29.99 -23.32
C PHE A 71 9.82 29.96 -24.83
N ARG A 72 8.71 29.85 -25.56
CA ARG A 72 8.71 29.89 -27.02
C ARG A 72 7.38 30.49 -27.47
N PRO A 73 7.30 31.01 -28.68
CA PRO A 73 6.05 31.61 -29.16
C PRO A 73 5.17 30.62 -29.91
N VAL A 74 3.85 30.81 -29.76
CA VAL A 74 2.84 29.93 -30.34
C VAL A 74 1.75 30.79 -30.96
N TYR A 75 0.87 30.15 -31.72
CA TYR A 75 -0.26 30.83 -32.33
C TYR A 75 -1.57 30.16 -31.91
N GLN A 76 -2.67 30.77 -32.36
CA GLN A 76 -3.99 30.61 -31.76
C GLN A 76 -4.57 29.21 -31.92
N ALA A 77 -4.18 28.47 -32.95
CA ALA A 77 -4.71 27.12 -33.12
C ALA A 77 -4.36 26.24 -31.92
N LEU A 78 -3.21 26.50 -31.30
CA LEU A 78 -2.75 25.68 -30.17
C LEU A 78 -3.74 25.72 -29.02
N TRP A 79 -4.35 26.88 -28.77
CA TRP A 79 -5.17 27.06 -27.58
C TRP A 79 -6.66 27.25 -27.84
N ASP A 80 -7.06 27.57 -29.07
CA ASP A 80 -8.45 27.90 -29.35
C ASP A 80 -9.15 26.79 -30.10
N PRO A 81 -10.05 26.05 -29.46
CA PRO A 81 -10.72 24.95 -30.17
C PRO A 81 -11.69 25.42 -31.25
N ALA A 82 -12.33 26.57 -31.07
CA ALA A 82 -13.20 27.09 -32.12
C ALA A 82 -12.41 27.40 -33.38
N PHE A 83 -11.34 28.19 -33.24
CA PHE A 83 -10.48 28.49 -34.38
C PHE A 83 -9.93 27.21 -34.99
N ARG A 84 -9.62 26.22 -34.17
CA ARG A 84 -9.04 24.98 -34.69
C ARG A 84 -10.03 24.21 -35.55
N ILE A 85 -11.31 24.18 -35.15
CA ILE A 85 -12.31 23.44 -35.91
C ILE A 85 -12.46 24.04 -37.32
N GLU A 86 -12.35 25.36 -37.43
CA GLU A 86 -12.48 25.97 -38.75
C GLU A 86 -11.29 25.61 -39.63
N GLU A 87 -10.09 25.55 -39.05
CA GLU A 87 -8.93 25.06 -39.80
C GLU A 87 -9.09 23.59 -40.16
N MET A 88 -9.61 22.76 -39.24
CA MET A 88 -9.84 21.36 -39.57
C MET A 88 -10.84 21.23 -40.71
N ASP A 89 -11.90 22.03 -40.69
CA ASP A 89 -12.85 22.05 -41.80
C ASP A 89 -12.14 22.39 -43.11
N ALA A 90 -11.28 23.40 -43.10
CA ALA A 90 -10.60 23.84 -44.30
C ALA A 90 -9.64 22.78 -44.82
N GLN A 91 -8.95 22.11 -43.91
CA GLN A 91 -7.99 21.06 -44.25
C GLN A 91 -8.66 19.77 -44.64
N GLY A 92 -9.96 19.62 -44.40
CA GLY A 92 -10.64 18.36 -44.60
C GLY A 92 -10.36 17.32 -43.54
N VAL A 93 -9.99 17.74 -42.33
CA VAL A 93 -9.75 16.82 -41.22
C VAL A 93 -11.05 16.65 -40.45
N ASP A 94 -11.56 15.42 -40.40
CA ASP A 94 -12.81 15.13 -39.71
C ASP A 94 -12.60 15.00 -38.21
N VAL A 95 -11.65 14.17 -37.78
CA VAL A 95 -11.35 13.93 -36.38
C VAL A 95 -9.87 14.20 -36.16
N GLN A 96 -9.55 15.00 -35.16
CA GLN A 96 -8.16 15.21 -34.75
C GLN A 96 -7.98 14.74 -33.32
N VAL A 97 -6.97 13.90 -33.09
CA VAL A 97 -6.55 13.52 -31.75
C VAL A 97 -5.46 14.49 -31.30
N THR A 98 -5.61 15.05 -30.11
CA THR A 98 -4.65 16.06 -29.68
C THR A 98 -4.22 15.76 -28.25
N CYS A 99 -3.03 16.24 -27.89
CA CYS A 99 -2.47 15.93 -26.57
C CYS A 99 -1.51 17.04 -26.17
N ALA A 100 -1.02 16.95 -24.93
CA ALA A 100 -0.15 17.97 -24.34
C ALA A 100 1.03 18.34 -25.23
N THR A 101 1.38 19.62 -25.21
CA THR A 101 2.68 20.06 -25.65
C THR A 101 3.71 19.56 -24.64
N PRO A 102 4.80 18.93 -25.08
CA PRO A 102 5.73 18.26 -24.13
C PRO A 102 6.25 19.14 -23.01
N VAL A 103 6.34 20.46 -23.19
CA VAL A 103 6.73 21.35 -22.10
C VAL A 103 5.81 21.22 -20.90
N MET A 104 4.62 20.64 -21.08
CA MET A 104 3.66 20.45 -20.00
C MET A 104 3.96 19.23 -19.12
N PHE A 105 4.90 18.39 -19.52
CA PHE A 105 5.00 17.04 -18.93
C PHE A 105 5.36 17.08 -17.45
N GLY A 106 6.29 17.95 -17.07
CA GLY A 106 6.70 18.07 -15.67
C GLY A 106 7.33 16.82 -15.07
N TYR A 107 8.14 16.10 -15.85
CA TYR A 107 8.71 14.85 -15.35
C TYR A 107 9.80 15.07 -14.29
N THR A 108 10.38 16.26 -14.19
CA THR A 108 11.38 16.54 -13.17
C THR A 108 10.79 17.06 -11.86
N TRP A 109 9.48 17.30 -11.79
CA TRP A 109 8.91 17.87 -10.57
C TRP A 109 8.76 16.80 -9.50
N GLU A 110 8.60 17.26 -8.25
CA GLU A 110 8.20 16.37 -7.18
C GLU A 110 6.93 15.64 -7.59
N ALA A 111 6.85 14.35 -7.25
CA ALA A 111 5.88 13.47 -7.90
C ALA A 111 4.44 13.87 -7.59
N ASN A 112 4.14 14.22 -6.34
CA ASN A 112 2.76 14.49 -5.98
C ASN A 112 2.27 15.78 -6.65
N LYS A 113 3.10 16.82 -6.68
CA LYS A 113 2.73 18.02 -7.42
C LYS A 113 2.57 17.72 -8.91
N ALA A 114 3.45 16.89 -9.46
CA ALA A 114 3.35 16.47 -10.86
C ALA A 114 2.05 15.72 -11.13
N ALA A 115 1.58 14.93 -10.17
CA ALA A 115 0.32 14.22 -10.36
C ALA A 115 -0.86 15.18 -10.30
N GLN A 116 -0.80 16.18 -9.42
CA GLN A 116 -1.84 17.20 -9.39
C GLN A 116 -1.87 17.97 -10.71
N TRP A 117 -0.68 18.30 -11.23
CA TRP A 117 -0.59 19.02 -12.49
C TRP A 117 -1.17 18.19 -13.63
N ALA A 118 -0.79 16.91 -13.72
CA ALA A 118 -1.31 16.04 -14.79
C ALA A 118 -2.82 15.97 -14.78
N GLU A 119 -3.43 15.84 -13.59
CA GLU A 119 -4.89 15.80 -13.52
C GLU A 119 -5.48 17.11 -13.99
N ARG A 120 -4.90 18.23 -13.57
CA ARG A 120 -5.40 19.53 -14.04
C ARG A 120 -5.26 19.66 -15.55
N MET A 121 -4.08 19.30 -16.10
CA MET A 121 -3.88 19.38 -17.54
C MET A 121 -4.85 18.48 -18.29
N ASN A 122 -5.11 17.29 -17.76
CA ASN A 122 -5.99 16.36 -18.47
C ASN A 122 -7.44 16.79 -18.40
N ASP A 123 -7.84 17.45 -17.30
CA ASP A 123 -9.15 18.09 -17.27
C ASP A 123 -9.24 19.21 -18.29
N PHE A 124 -8.21 20.08 -18.33
CA PHE A 124 -8.09 21.09 -19.37
C PHE A 124 -8.28 20.49 -20.76
N ALA A 125 -7.69 19.31 -20.98
CA ALA A 125 -7.79 18.67 -22.30
C ALA A 125 -9.22 18.29 -22.63
N LEU A 126 -9.95 17.73 -21.66
CA LEU A 126 -11.32 17.31 -21.93
C LEU A 126 -12.23 18.51 -22.14
N GLU A 127 -11.89 19.64 -21.53
CA GLU A 127 -12.64 20.87 -21.75
C GLU A 127 -12.38 21.41 -23.16
N PHE A 128 -11.14 21.27 -23.64
CA PHE A 128 -10.82 21.58 -25.02
C PHE A 128 -11.70 20.77 -25.98
N ALA A 129 -11.76 19.46 -25.78
CA ALA A 129 -12.49 18.59 -26.68
C ALA A 129 -14.01 18.71 -26.53
N ALA A 130 -14.49 19.26 -25.41
CA ALA A 130 -15.93 19.29 -25.16
C ALA A 130 -16.68 20.22 -26.10
N HIS A 131 -15.99 21.17 -26.74
CA HIS A 131 -16.63 22.02 -27.75
C HIS A 131 -17.10 21.22 -28.95
N ASN A 132 -16.42 20.13 -29.27
CA ASN A 132 -16.88 19.20 -30.30
C ASN A 132 -16.23 17.85 -30.06
N PRO A 133 -16.77 17.04 -29.13
CA PRO A 133 -16.11 15.77 -28.76
C PRO A 133 -16.17 14.72 -29.84
N GLN A 134 -17.06 14.85 -30.82
CA GLN A 134 -17.06 13.92 -31.95
C GLN A 134 -15.90 14.18 -32.89
N ARG A 135 -15.38 15.40 -32.93
CA ARG A 135 -14.31 15.77 -33.84
C ARG A 135 -12.96 16.01 -33.17
N ILE A 136 -12.94 16.26 -31.87
CA ILE A 136 -11.69 16.49 -31.13
C ILE A 136 -11.60 15.42 -30.06
N LYS A 137 -10.59 14.54 -30.18
CA LYS A 137 -10.27 13.54 -29.19
C LYS A 137 -8.98 13.94 -28.47
N VAL A 138 -8.84 13.54 -27.21
CA VAL A 138 -7.65 13.92 -26.45
C VAL A 138 -6.97 12.69 -25.87
N LEU A 139 -5.65 12.79 -25.74
CA LEU A 139 -4.81 11.86 -24.98
C LEU A 139 -4.25 12.55 -23.74
N ALA A 140 -3.92 11.76 -22.73
CA ALA A 140 -3.59 12.30 -21.42
C ALA A 140 -2.09 12.26 -21.15
N GLN A 141 -1.65 13.11 -20.24
CA GLN A 141 -0.30 13.04 -19.70
C GLN A 141 -0.33 12.36 -18.33
N VAL A 142 0.83 11.84 -17.91
CA VAL A 142 0.91 11.16 -16.62
C VAL A 142 2.17 11.57 -15.90
N PRO A 143 2.16 11.47 -14.56
CA PRO A 143 3.37 11.79 -13.77
C PRO A 143 4.29 10.57 -13.77
N LEU A 144 5.02 10.42 -14.87
CA LEU A 144 5.80 9.21 -15.12
C LEU A 144 6.93 8.99 -14.13
N GLN A 145 7.30 10.00 -13.35
CA GLN A 145 8.35 9.83 -12.35
C GLN A 145 7.89 9.02 -11.13
N ASP A 146 6.61 8.71 -11.02
CA ASP A 146 6.12 7.79 -9.99
C ASP A 146 5.19 6.79 -10.65
N LEU A 147 5.65 5.54 -10.74
CA LEU A 147 4.89 4.55 -11.49
C LEU A 147 3.46 4.41 -10.97
N ASP A 148 3.28 4.44 -9.65
CA ASP A 148 1.93 4.25 -9.13
C ASP A 148 1.02 5.43 -9.49
N LEU A 149 1.50 6.67 -9.32
CA LEU A 149 0.67 7.81 -9.67
C LEU A 149 0.38 7.86 -11.17
N ALA A 150 1.34 7.42 -11.97
CA ALA A 150 1.18 7.45 -13.43
C ALA A 150 0.15 6.42 -13.91
N CYS A 151 0.19 5.19 -13.37
CA CYS A 151 -0.85 4.22 -13.70
C CYS A 151 -2.21 4.70 -13.25
N LYS A 152 -2.30 5.28 -12.05
CA LYS A 152 -3.61 5.72 -11.57
C LYS A 152 -4.16 6.85 -12.44
N GLU A 153 -3.31 7.77 -12.87
CA GLU A 153 -3.79 8.86 -13.72
C GLU A 153 -4.15 8.37 -15.11
N ALA A 154 -3.37 7.44 -15.68
CA ALA A 154 -3.73 6.86 -16.97
C ALA A 154 -5.15 6.26 -16.92
N SER A 155 -5.42 5.43 -15.91
CA SER A 155 -6.75 4.85 -15.78
C SER A 155 -7.81 5.91 -15.55
N ARG A 156 -7.51 6.90 -14.71
CA ARG A 156 -8.49 7.93 -14.38
C ARG A 156 -8.84 8.76 -15.62
N ALA A 157 -7.83 9.15 -16.40
CA ALA A 157 -8.07 10.04 -17.54
C ALA A 157 -8.81 9.33 -18.67
N VAL A 158 -8.48 8.05 -18.90
CA VAL A 158 -9.20 7.28 -19.92
C VAL A 158 -10.65 7.07 -19.49
N ALA A 159 -10.88 6.79 -18.20
CA ALA A 159 -12.26 6.60 -17.75
C ALA A 159 -13.07 7.88 -17.91
N ALA A 160 -12.43 9.04 -17.80
CA ALA A 160 -13.11 10.32 -17.95
C ALA A 160 -13.26 10.76 -19.40
N GLY A 161 -12.72 10.02 -20.37
CA GLY A 161 -12.95 10.34 -21.77
C GLY A 161 -11.72 10.39 -22.67
N HIS A 162 -10.52 10.36 -22.09
CA HIS A 162 -9.32 10.33 -22.92
C HIS A 162 -9.25 9.00 -23.67
N LEU A 163 -8.67 9.04 -24.88
CA LEU A 163 -8.59 7.85 -25.71
C LEU A 163 -7.26 7.14 -25.57
N GLY A 164 -6.37 7.65 -24.73
CA GLY A 164 -5.05 7.06 -24.59
C GLY A 164 -4.15 8.03 -23.86
N ILE A 165 -2.86 7.69 -23.86
CA ILE A 165 -1.84 8.44 -23.14
C ILE A 165 -0.78 8.90 -24.13
N GLN A 166 -0.24 10.10 -23.93
CA GLN A 166 0.99 10.50 -24.59
C GLN A 166 2.08 10.62 -23.53
N ILE A 167 3.19 9.90 -23.71
CA ILE A 167 4.34 10.03 -22.83
C ILE A 167 5.55 10.51 -23.64
N GLY A 168 6.48 11.18 -22.95
CA GLY A 168 7.82 11.34 -23.50
C GLY A 168 8.51 10.00 -23.66
N ASN A 169 9.54 9.98 -24.49
CA ASN A 169 10.18 8.71 -24.83
C ASN A 169 11.20 8.25 -23.79
N HIS A 170 11.60 9.10 -22.87
CA HIS A 170 12.56 8.71 -21.85
C HIS A 170 12.33 9.58 -20.64
N LEU A 171 12.81 9.10 -19.50
CA LEU A 171 12.76 9.82 -18.22
C LEU A 171 14.22 9.97 -17.77
N GLY A 172 14.85 11.07 -18.17
CA GLY A 172 16.28 11.21 -17.94
C GLY A 172 17.05 10.05 -18.55
N ASP A 173 17.95 9.46 -17.77
CA ASP A 173 18.76 8.37 -18.28
C ASP A 173 18.02 7.04 -18.32
N LYS A 174 16.73 7.03 -17.97
CA LYS A 174 15.92 5.82 -18.04
C LYS A 174 15.21 5.80 -19.39
N ASP A 175 15.57 4.85 -20.24
CA ASP A 175 14.88 4.68 -21.50
C ASP A 175 13.80 3.62 -21.35
N LEU A 176 13.08 3.33 -22.45
CA LEU A 176 11.89 2.50 -22.35
C LEU A 176 12.19 1.06 -21.93
N ASP A 177 13.45 0.62 -21.97
CA ASP A 177 13.82 -0.69 -21.46
C ASP A 177 13.81 -0.74 -19.94
N ASP A 178 13.83 0.41 -19.27
CA ASP A 178 13.83 0.43 -17.81
C ASP A 178 12.54 -0.20 -17.29
N ALA A 179 12.67 -1.03 -16.24
CA ALA A 179 11.51 -1.77 -15.75
C ALA A 179 10.36 -0.87 -15.36
N THR A 180 10.64 0.34 -14.87
CA THR A 180 9.55 1.22 -14.47
C THR A 180 8.74 1.66 -15.67
N LEU A 181 9.40 1.96 -16.79
CA LEU A 181 8.68 2.38 -17.98
C LEU A 181 8.02 1.18 -18.66
N GLU A 182 8.71 0.05 -18.72
CA GLU A 182 8.07 -1.16 -19.22
C GLU A 182 6.81 -1.49 -18.41
N ALA A 183 6.87 -1.35 -17.08
CA ALA A 183 5.71 -1.62 -16.26
C ALA A 183 4.57 -0.65 -16.56
N PHE A 184 4.88 0.61 -16.87
CA PHE A 184 3.81 1.54 -17.22
C PHE A 184 3.13 1.10 -18.51
N LEU A 185 3.93 0.75 -19.53
CA LEU A 185 3.36 0.24 -20.78
C LEU A 185 2.52 -1.00 -20.54
N THR A 186 2.97 -1.89 -19.64
CA THR A 186 2.26 -3.15 -19.39
C THR A 186 0.93 -2.89 -18.69
N HIS A 187 0.92 -1.95 -17.73
CA HIS A 187 -0.35 -1.47 -17.16
C HIS A 187 -1.32 -1.05 -18.26
N CYS A 188 -0.85 -0.21 -19.20
CA CYS A 188 -1.73 0.30 -20.24
C CYS A 188 -2.19 -0.81 -21.16
N ALA A 189 -1.28 -1.74 -21.50
CA ALA A 189 -1.66 -2.93 -22.27
C ALA A 189 -2.80 -3.67 -21.59
N ASN A 190 -2.66 -3.94 -20.30
CA ASN A 190 -3.64 -4.77 -19.62
C ASN A 190 -4.98 -4.06 -19.44
N GLU A 191 -5.02 -2.73 -19.53
CA GLU A 191 -6.25 -1.97 -19.43
C GLU A 191 -6.75 -1.42 -20.76
N ASP A 192 -6.20 -1.91 -21.88
CA ASP A 192 -6.63 -1.48 -23.22
C ASP A 192 -6.52 0.04 -23.40
N ILE A 193 -5.43 0.60 -22.90
CA ILE A 193 -5.13 2.03 -22.98
C ILE A 193 -4.05 2.22 -24.06
N PRO A 194 -4.36 2.85 -25.18
CA PRO A 194 -3.34 3.12 -26.20
C PRO A 194 -2.36 4.20 -25.75
N ILE A 195 -1.16 4.15 -26.33
CA ILE A 195 -0.07 5.06 -25.96
C ILE A 195 0.54 5.64 -27.23
N LEU A 196 0.77 6.95 -27.20
CA LEU A 196 1.60 7.65 -28.18
C LEU A 196 2.90 8.04 -27.49
N VAL A 197 4.02 7.62 -28.05
CA VAL A 197 5.34 7.97 -27.52
C VAL A 197 5.91 9.12 -28.34
N HIS A 198 6.25 10.21 -27.66
CA HIS A 198 6.69 11.42 -28.30
C HIS A 198 8.10 11.75 -27.84
N PRO A 199 9.02 12.09 -28.74
CA PRO A 199 10.37 12.44 -28.30
C PRO A 199 10.35 13.73 -27.52
N TRP A 200 11.24 13.82 -26.54
CA TRP A 200 11.26 14.98 -25.67
CA TRP A 200 11.25 14.98 -25.66
C TRP A 200 12.56 14.98 -24.89
N ASP A 201 12.97 16.17 -24.44
CA ASP A 201 14.17 16.32 -23.61
C ASP A 201 15.38 15.69 -24.31
N MET A 202 15.73 16.29 -25.44
CA MET A 202 16.58 15.68 -26.44
C MET A 202 18.02 15.55 -25.98
N MET A 203 18.65 14.44 -26.35
CA MET A 203 20.08 14.25 -26.19
C MET A 203 20.87 15.28 -27.02
N GLY A 204 22.13 15.47 -26.66
CA GLY A 204 22.99 16.30 -27.50
C GLY A 204 23.91 17.22 -26.73
N GLY A 205 23.58 17.52 -25.48
CA GLY A 205 24.48 18.34 -24.68
C GLY A 205 24.55 19.77 -25.19
N GLN A 206 25.77 20.29 -25.31
CA GLN A 206 26.00 21.65 -25.75
C GLN A 206 26.16 21.77 -27.27
N ARG A 207 25.88 20.71 -28.02
CA ARG A 207 25.92 20.78 -29.47
C ARG A 207 24.52 21.08 -29.99
N MET A 208 24.41 21.19 -31.31
CA MET A 208 23.11 21.43 -31.95
C MET A 208 22.45 22.73 -31.45
N LYS A 209 23.26 23.77 -31.27
CA LYS A 209 22.73 25.05 -30.81
C LYS A 209 22.00 25.85 -31.90
N LYS A 210 22.20 25.53 -33.19
CA LYS A 210 21.66 26.36 -34.25
C LYS A 210 20.78 25.56 -35.21
N TRP A 211 20.00 26.32 -36.00
CA TRP A 211 19.19 25.82 -37.12
C TRP A 211 18.21 24.72 -36.71
N MET A 212 17.72 24.78 -35.46
CA MET A 212 16.80 23.78 -34.92
C MET A 212 17.31 22.34 -35.07
N LEU A 213 18.63 22.17 -35.06
CA LEU A 213 19.21 20.82 -35.13
C LEU A 213 18.66 19.84 -34.10
N PRO A 214 18.31 20.21 -32.86
CA PRO A 214 17.66 19.23 -31.96
C PRO A 214 16.41 18.59 -32.53
N TRP A 215 15.64 19.34 -33.33
CA TRP A 215 14.43 18.80 -33.95
C TRP A 215 14.74 17.95 -35.17
N LEU A 216 15.88 18.19 -35.83
CA LEU A 216 16.21 17.49 -37.07
C LEU A 216 17.08 16.26 -36.85
N VAL A 217 17.94 16.29 -35.85
CA VAL A 217 18.87 15.20 -35.57
C VAL A 217 18.47 14.48 -34.28
N ALA A 218 18.34 15.22 -33.19
CA ALA A 218 18.17 14.58 -31.89
C ALA A 218 16.79 13.95 -31.76
N MET A 219 15.74 14.62 -32.26
CA MET A 219 14.39 14.08 -32.13
C MET A 219 14.19 12.76 -32.85
N PRO A 220 14.60 12.59 -34.11
CA PRO A 220 14.44 11.25 -34.72
C PRO A 220 15.31 10.20 -34.06
N ALA A 221 16.46 10.58 -33.49
CA ALA A 221 17.30 9.60 -32.82
C ALA A 221 16.69 9.18 -31.48
N GLU A 222 16.08 10.13 -30.77
CA GLU A 222 15.38 9.83 -29.53
C GLU A 222 14.29 8.79 -29.76
N THR A 223 13.50 8.97 -30.81
CA THR A 223 12.43 8.03 -31.09
C THR A 223 12.97 6.68 -31.54
N GLN A 224 14.01 6.67 -32.37
CA GLN A 224 14.64 5.40 -32.72
C GLN A 224 15.17 4.69 -31.46
N LEU A 225 15.79 5.47 -30.55
CA LEU A 225 16.31 4.88 -29.32
C LEU A 225 15.19 4.25 -28.48
N ALA A 226 14.04 4.92 -28.40
CA ALA A 226 12.92 4.36 -27.64
C ALA A 226 12.45 3.03 -28.23
N ILE A 227 12.28 2.98 -29.56
CA ILE A 227 11.87 1.73 -30.21
C ILE A 227 12.91 0.64 -30.01
N LEU A 228 14.18 0.97 -30.23
CA LEU A 228 15.21 -0.05 -30.09
C LEU A 228 15.39 -0.48 -28.64
N SER A 229 15.14 0.43 -27.69
CA SER A 229 15.23 0.05 -26.29
C SER A 229 14.19 -1.03 -25.97
N LEU A 230 12.97 -0.89 -26.48
CA LEU A 230 11.97 -1.95 -26.29
C LEU A 230 12.39 -3.24 -26.98
N ILE A 231 12.85 -3.15 -28.23
CA ILE A 231 13.16 -4.36 -28.99
C ILE A 231 14.37 -5.09 -28.39
N LEU A 232 15.50 -4.39 -28.30
CA LEU A 232 16.74 -5.06 -27.93
C LEU A 232 16.74 -5.50 -26.48
N SER A 233 15.88 -4.90 -25.64
CA SER A 233 15.78 -5.35 -24.25
C SER A 233 14.92 -6.59 -24.10
N GLY A 234 14.27 -7.07 -25.15
CA GLY A 234 13.28 -8.14 -25.02
C GLY A 234 11.96 -7.73 -24.40
N ALA A 235 11.70 -6.43 -24.28
CA ALA A 235 10.46 -6.00 -23.62
C ALA A 235 9.22 -6.52 -24.32
N PHE A 236 9.25 -6.67 -25.65
CA PHE A 236 8.07 -7.18 -26.34
C PHE A 236 7.84 -8.67 -26.07
N GLU A 237 8.84 -9.38 -25.55
CA GLU A 237 8.61 -10.75 -25.09
C GLU A 237 7.85 -10.79 -23.78
N ARG A 238 7.82 -9.67 -23.04
CA ARG A 238 7.17 -9.57 -21.75
C ARG A 238 5.89 -8.74 -21.77
N ILE A 239 5.85 -7.69 -22.58
CA ILE A 239 4.64 -6.85 -22.67
C ILE A 239 3.58 -7.60 -23.47
N PRO A 240 2.32 -7.65 -23.01
CA PRO A 240 1.28 -8.36 -23.77
C PRO A 240 1.09 -7.79 -25.17
N LYS A 241 0.75 -8.68 -26.12
CA LYS A 241 0.43 -8.26 -27.48
C LYS A 241 -0.68 -7.23 -27.52
N SER A 242 -1.51 -7.16 -26.48
CA SER A 242 -2.61 -6.22 -26.46
C SER A 242 -2.13 -4.77 -26.47
N LEU A 243 -0.85 -4.51 -26.19
CA LEU A 243 -0.39 -3.13 -26.14
C LEU A 243 -0.57 -2.47 -27.51
N LYS A 244 -1.26 -1.33 -27.53
CA LYS A 244 -1.33 -0.48 -28.71
C LYS A 244 -0.41 0.71 -28.44
N ILE A 245 0.71 0.78 -29.14
CA ILE A 245 1.68 1.84 -28.88
C ILE A 245 2.14 2.37 -30.22
N CYS A 246 2.17 3.69 -30.35
CA CYS A 246 2.59 4.34 -31.58
C CYS A 246 3.72 5.33 -31.29
N PHE A 247 4.68 5.42 -32.21
CA PHE A 247 5.79 6.35 -32.10
C PHE A 247 5.65 7.49 -33.09
N GLY A 248 5.94 8.70 -32.62
CA GLY A 248 5.77 9.87 -33.46
C GLY A 248 6.82 10.02 -34.54
N HIS A 249 6.50 10.88 -35.52
CA HIS A 249 7.41 11.25 -36.60
C HIS A 249 7.94 10.03 -37.33
N GLY A 250 7.02 9.14 -37.69
CA GLY A 250 7.39 7.98 -38.46
C GLY A 250 8.25 6.98 -37.74
N GLY A 251 8.34 7.07 -36.41
CA GLY A 251 9.35 6.31 -35.70
C GLY A 251 10.74 6.87 -35.79
N GLY A 252 10.88 8.16 -36.11
CA GLY A 252 12.23 8.71 -36.27
C GLY A 252 12.94 8.06 -37.44
N SER A 253 14.21 7.75 -37.24
CA SER A 253 15.02 7.06 -38.25
C SER A 253 14.95 5.54 -38.16
N PHE A 254 14.03 5.01 -37.34
CA PHE A 254 14.02 3.57 -37.07
C PHE A 254 13.96 2.71 -38.33
N ALA A 255 13.01 2.99 -39.21
CA ALA A 255 12.78 2.09 -40.34
C ALA A 255 13.96 2.08 -41.31
N PHE A 256 14.62 3.23 -41.47
CA PHE A 256 15.75 3.30 -42.40
C PHE A 256 16.97 2.58 -41.84
N LEU A 257 17.19 2.66 -40.53
CA LEU A 257 18.38 2.10 -39.90
C LEU A 257 18.18 0.67 -39.44
N LEU A 258 17.03 0.07 -39.77
CA LEU A 258 16.68 -1.25 -39.23
C LEU A 258 17.62 -2.33 -39.76
N GLY A 259 17.98 -2.25 -41.05
CA GLY A 259 18.93 -3.20 -41.59
C GLY A 259 20.24 -3.22 -40.82
N ARG A 260 20.73 -2.03 -40.43
CA ARG A 260 21.95 -1.96 -39.66
CA ARG A 260 21.96 -1.95 -39.65
C ARG A 260 21.80 -2.64 -38.30
N VAL A 261 20.63 -2.51 -37.68
CA VAL A 261 20.37 -3.16 -36.40
C VAL A 261 20.34 -4.68 -36.57
N ASP A 262 19.60 -5.18 -37.57
CA ASP A 262 19.57 -6.63 -37.82
C ASP A 262 20.97 -7.16 -38.07
N ASN A 263 21.79 -6.42 -38.83
CA ASN A 263 23.14 -6.91 -39.11
C ASN A 263 23.98 -6.98 -37.84
N ALA A 264 23.81 -6.01 -36.95
CA ALA A 264 24.53 -6.02 -35.68
C ALA A 264 24.08 -7.16 -34.80
N TRP A 265 22.77 -7.39 -34.73
CA TRP A 265 22.22 -8.51 -33.98
C TRP A 265 22.80 -9.83 -34.48
N ARG A 266 22.93 -10.00 -35.80
CA ARG A 266 23.48 -11.23 -36.35
CA ARG A 266 23.46 -11.25 -36.34
C ARG A 266 24.94 -11.45 -35.96
N HIS A 267 25.68 -10.37 -35.72
CA HIS A 267 27.13 -10.51 -35.63
C HIS A 267 27.74 -10.14 -34.28
N ARG A 268 26.94 -9.78 -33.28
CA ARG A 268 27.49 -9.54 -31.95
C ARG A 268 26.55 -10.12 -30.91
N ASP A 269 27.07 -11.03 -30.09
CA ASP A 269 26.21 -11.69 -29.12
C ASP A 269 25.64 -10.72 -28.10
N ILE A 270 26.37 -9.66 -27.77
CA ILE A 270 25.83 -8.72 -26.79
C ILE A 270 24.62 -7.95 -27.34
N VAL A 271 24.46 -7.89 -28.66
CA VAL A 271 23.25 -7.28 -29.22
C VAL A 271 22.06 -8.25 -29.15
N ARG A 272 22.33 -9.55 -29.04
CA ARG A 272 21.32 -10.60 -28.98
C ARG A 272 20.95 -11.01 -27.57
N GLU A 273 21.71 -10.54 -26.57
CA GLU A 273 21.65 -11.10 -25.22
C GLU A 273 20.23 -11.19 -24.68
N ASP A 274 19.39 -10.19 -24.97
CA ASP A 274 18.05 -10.09 -24.42
C ASP A 274 16.94 -10.11 -25.47
N CYS A 275 17.28 -10.33 -26.74
CA CYS A 275 16.35 -10.16 -27.85
C CYS A 275 16.41 -11.44 -28.71
N PRO A 276 15.42 -12.34 -28.58
CA PRO A 276 15.61 -13.72 -29.09
C PRO A 276 15.35 -13.91 -30.59
N ARG A 277 14.82 -12.93 -31.30
CA ARG A 277 14.65 -13.08 -32.73
C ARG A 277 15.13 -11.81 -33.42
N PRO A 278 15.29 -11.80 -34.74
CA PRO A 278 15.82 -10.61 -35.40
C PRO A 278 14.99 -9.39 -35.07
N PRO A 279 15.65 -8.27 -34.78
CA PRO A 279 14.91 -7.06 -34.36
C PRO A 279 13.79 -6.66 -35.29
N SER A 280 13.97 -6.83 -36.60
CA SER A 280 12.95 -6.39 -37.55
C SER A 280 11.65 -7.18 -37.43
N GLU A 281 11.68 -8.37 -36.83
CA GLU A 281 10.42 -9.12 -36.72
C GLU A 281 9.47 -8.55 -35.69
N TYR A 282 9.88 -7.55 -34.91
CA TYR A 282 9.00 -6.97 -33.90
C TYR A 282 8.19 -5.79 -34.40
N VAL A 283 8.25 -5.47 -35.70
CA VAL A 283 7.47 -4.34 -36.22
C VAL A 283 5.98 -4.61 -36.12
N ASP A 284 5.56 -5.86 -35.95
CA ASP A 284 4.13 -6.12 -35.77
C ASP A 284 3.66 -5.83 -34.34
N ARG A 285 4.52 -5.26 -33.49
CA ARG A 285 4.14 -4.95 -32.11
C ARG A 285 3.95 -3.46 -31.87
N PHE A 286 4.11 -2.60 -32.88
CA PHE A 286 3.91 -1.18 -32.67
C PHE A 286 3.52 -0.49 -33.97
N PHE A 287 3.16 0.79 -33.84
CA PHE A 287 2.68 1.63 -34.90
C PHE A 287 3.59 2.84 -35.02
N VAL A 288 3.51 3.52 -36.17
CA VAL A 288 4.13 4.83 -36.34
C VAL A 288 3.13 5.78 -37.00
N ASP A 289 3.32 7.07 -36.77
CA ASP A 289 2.59 8.00 -37.62
C ASP A 289 3.32 8.15 -38.95
N SER A 290 2.70 8.88 -39.87
CA SER A 290 3.16 8.98 -41.26
C SER A 290 4.02 10.21 -41.50
N ALA A 291 4.38 10.97 -40.47
CA ALA A 291 4.98 12.29 -40.66
C ALA A 291 6.47 12.16 -40.99
N VAL A 292 6.76 11.87 -42.26
CA VAL A 292 8.15 11.76 -42.72
C VAL A 292 8.47 12.68 -43.88
N PHE A 293 7.49 13.46 -44.36
CA PHE A 293 7.75 14.65 -45.19
C PHE A 293 8.47 14.34 -46.50
N ASN A 294 8.25 13.14 -47.06
CA ASN A 294 8.92 12.75 -48.28
C ASN A 294 8.28 11.50 -48.86
N PRO A 295 8.03 11.45 -50.17
CA PRO A 295 7.34 10.27 -50.73
C PRO A 295 8.14 8.98 -50.63
N GLY A 296 9.43 9.02 -50.94
CA GLY A 296 10.24 7.80 -50.84
C GLY A 296 10.34 7.31 -49.41
N ALA A 297 10.51 8.23 -48.46
CA ALA A 297 10.56 7.84 -47.05
C ALA A 297 9.26 7.17 -46.62
N LEU A 298 8.11 7.66 -47.11
CA LEU A 298 6.84 7.06 -46.73
C LEU A 298 6.69 5.67 -47.34
N GLU A 299 7.11 5.50 -48.59
CA GLU A 299 7.09 4.18 -49.20
C GLU A 299 7.95 3.18 -48.43
N LEU A 300 9.16 3.59 -48.03
CA LEU A 300 10.00 2.71 -47.22
C LEU A 300 9.36 2.42 -45.86
N LEU A 301 8.78 3.44 -45.23
CA LEU A 301 8.13 3.26 -43.93
C LEU A 301 7.00 2.24 -44.02
N VAL A 302 6.16 2.34 -45.06
CA VAL A 302 5.06 1.39 -45.24
C VAL A 302 5.60 0.01 -45.60
N SER A 303 6.69 -0.04 -46.37
CA SER A 303 7.30 -1.33 -46.66
C SER A 303 7.77 -2.02 -45.39
N VAL A 304 8.38 -1.27 -44.47
CA VAL A 304 8.92 -1.85 -43.24
C VAL A 304 7.80 -2.18 -42.26
N MET A 305 6.90 -1.23 -42.03
CA MET A 305 5.89 -1.35 -40.98
C MET A 305 4.63 -2.08 -41.43
N GLY A 306 4.30 -2.01 -42.71
CA GLY A 306 3.03 -2.56 -43.17
C GLY A 306 1.95 -1.49 -43.22
N GLU A 307 1.05 -1.60 -44.20
CA GLU A 307 0.02 -0.58 -44.36
C GLU A 307 -0.90 -0.50 -43.15
N ASP A 308 -0.91 -1.52 -42.30
CA ASP A 308 -1.78 -1.57 -41.13
C ASP A 308 -1.19 -0.91 -39.90
N ARG A 309 0.05 -0.40 -39.98
CA ARG A 309 0.72 0.10 -38.79
C ARG A 309 1.21 1.52 -38.93
N VAL A 310 0.75 2.25 -39.94
CA VAL A 310 1.13 3.65 -40.18
C VAL A 310 -0.15 4.48 -40.15
N MET A 311 -0.17 5.53 -39.33
CA MET A 311 -1.36 6.36 -39.15
C MET A 311 -1.06 7.80 -39.51
N LEU A 312 -1.99 8.45 -40.20
CA LEU A 312 -1.81 9.86 -40.53
C LEU A 312 -1.68 10.69 -39.26
N GLY A 313 -0.59 11.45 -39.17
CA GLY A 313 -0.38 12.40 -38.11
C GLY A 313 0.36 13.60 -38.66
N SER A 314 0.02 14.81 -38.21
CA SER A 314 0.52 16.02 -38.82
C SER A 314 1.48 16.84 -37.97
N ASP A 315 1.44 16.71 -36.65
CA ASP A 315 2.13 17.60 -35.71
C ASP A 315 1.55 19.01 -35.72
N TYR A 316 0.32 19.13 -36.17
CA TYR A 316 -0.45 20.38 -36.06
C TYR A 316 -0.45 20.85 -34.60
N PRO A 317 -0.31 22.17 -34.35
CA PRO A 317 -0.18 23.25 -35.33
C PRO A 317 1.22 23.79 -35.45
N PHE A 318 2.25 22.96 -35.23
CA PHE A 318 3.62 23.45 -35.16
C PHE A 318 4.21 23.62 -36.56
N PRO A 319 5.16 24.55 -36.72
CA PRO A 319 5.74 24.82 -38.05
C PRO A 319 6.49 23.65 -38.67
N LEU A 320 7.07 22.75 -37.87
CA LEU A 320 7.71 21.60 -38.45
C LEU A 320 6.72 20.46 -38.69
N GLY A 321 5.42 20.75 -38.63
CA GLY A 321 4.39 19.82 -39.02
C GLY A 321 4.07 19.91 -40.49
N GLU A 322 3.01 19.19 -40.88
CA GLU A 322 2.62 19.13 -42.28
C GLU A 322 1.56 20.19 -42.55
N GLN A 323 1.88 21.15 -43.43
CA GLN A 323 0.98 22.27 -43.68
C GLN A 323 -0.32 21.79 -44.33
N LYS A 324 -0.22 20.93 -45.34
CA LYS A 324 -1.39 20.37 -46.01
C LYS A 324 -1.60 18.97 -45.45
N ILE A 325 -2.44 18.88 -44.41
CA ILE A 325 -2.57 17.64 -43.65
C ILE A 325 -3.06 16.50 -44.53
N GLY A 326 -2.30 15.40 -44.58
CA GLY A 326 -2.64 14.28 -45.41
C GLY A 326 -2.18 14.38 -46.85
N GLY A 327 -1.56 15.49 -47.24
CA GLY A 327 -1.17 15.68 -48.64
C GLY A 327 -0.16 14.65 -49.10
N LEU A 328 0.84 14.33 -48.25
CA LEU A 328 1.84 13.33 -48.60
C LEU A 328 1.19 11.96 -48.84
N VAL A 329 0.31 11.54 -47.93
CA VAL A 329 -0.32 10.23 -48.10
C VAL A 329 -1.26 10.25 -49.30
N LEU A 330 -2.04 11.32 -49.44
CA LEU A 330 -3.04 11.36 -50.49
C LEU A 330 -2.42 11.42 -51.88
N SER A 331 -1.26 12.07 -52.02
CA SER A 331 -0.59 12.17 -53.31
C SER A 331 0.38 11.04 -53.57
N SER A 332 0.45 10.06 -52.67
CA SER A 332 1.38 8.96 -52.85
C SER A 332 0.89 8.03 -53.96
N ASN A 333 1.71 7.04 -54.27
CA ASN A 333 1.33 5.97 -55.18
C ASN A 333 0.94 4.70 -54.45
N LEU A 334 0.67 4.79 -53.15
CA LEU A 334 0.22 3.63 -52.40
C LEU A 334 -1.18 3.21 -52.87
N GLY A 335 -1.53 1.96 -52.63
CA GLY A 335 -2.86 1.51 -53.00
C GLY A 335 -3.94 2.36 -52.37
N GLU A 336 -5.09 2.43 -53.06
CA GLU A 336 -6.25 3.12 -52.48
C GLU A 336 -6.64 2.52 -51.13
N SER A 337 -6.56 1.19 -51.02
CA SER A 337 -6.82 0.53 -49.75
C SER A 337 -5.83 0.94 -48.67
N ALA A 338 -4.54 1.01 -49.01
CA ALA A 338 -3.53 1.44 -48.05
C ALA A 338 -3.75 2.90 -47.67
N LYS A 339 -4.11 3.75 -48.64
CA LYS A 339 -4.35 5.16 -48.34
C LYS A 339 -5.47 5.33 -47.31
N ASP A 340 -6.55 4.55 -47.43
CA ASP A 340 -7.66 4.63 -46.49
C ASP A 340 -7.26 4.16 -45.10
N LYS A 341 -6.47 3.08 -45.02
CA LYS A 341 -5.99 2.62 -43.72
C LYS A 341 -5.19 3.71 -43.02
N ILE A 342 -4.26 4.33 -43.74
CA ILE A 342 -3.37 5.32 -43.14
C ILE A 342 -4.14 6.57 -42.75
N ILE A 343 -5.08 6.98 -43.59
CA ILE A 343 -5.80 8.24 -43.38
C ILE A 343 -6.93 8.10 -42.37
N SER A 344 -7.42 6.88 -42.13
CA SER A 344 -8.62 6.72 -41.31
C SER A 344 -8.70 5.35 -40.61
N GLY A 345 -8.58 4.26 -41.36
CA GLY A 345 -8.92 2.94 -40.82
C GLY A 345 -8.05 2.51 -39.65
N ASN A 346 -6.76 2.84 -39.70
CA ASN A 346 -5.84 2.39 -38.64
C ASN A 346 -6.10 3.15 -37.35
N ALA A 347 -6.15 4.48 -37.40
CA ALA A 347 -6.44 5.26 -36.20
C ALA A 347 -7.81 4.91 -35.63
N SER A 348 -8.78 4.67 -36.50
CA SER A 348 -10.13 4.34 -36.04
C SER A 348 -10.11 3.08 -35.17
N LYS A 349 -9.33 2.07 -35.56
CA LYS A 349 -9.21 0.86 -34.75
C LYS A 349 -8.25 1.05 -33.57
N PHE A 350 -7.17 1.81 -33.77
CA PHE A 350 -6.16 2.00 -32.73
C PHE A 350 -6.74 2.76 -31.53
N PHE A 351 -7.48 3.85 -31.79
CA PHE A 351 -8.03 4.70 -30.74
C PHE A 351 -9.51 4.43 -30.46
N ASN A 352 -10.15 3.53 -31.20
CA ASN A 352 -11.60 3.29 -31.12
C ASN A 352 -12.39 4.58 -31.40
N ILE A 353 -12.23 5.07 -32.62
CA ILE A 353 -12.93 6.25 -33.12
C ILE A 353 -13.92 5.81 -34.19
N ASN A 354 -15.14 6.34 -34.12
CA ASN A 354 -16.19 5.97 -35.07
C ASN A 354 -16.35 7.01 -36.18
N LYS B 24 12.50 -37.49 4.08
CA LYS B 24 12.02 -36.11 3.99
C LYS B 24 12.81 -35.18 4.95
N PRO B 25 13.56 -34.25 4.37
CA PRO B 25 14.38 -33.35 5.19
C PRO B 25 13.49 -32.37 5.95
N ARG B 26 13.74 -32.22 7.24
CA ARG B 26 13.13 -31.15 8.03
C ARG B 26 13.73 -29.81 7.60
N ILE B 27 12.88 -28.89 7.16
CA ILE B 27 13.33 -27.63 6.57
C ILE B 27 12.85 -26.46 7.42
N ASP B 28 13.79 -25.61 7.82
CA ASP B 28 13.51 -24.34 8.50
C ASP B 28 13.72 -23.22 7.48
N MET B 29 12.64 -22.57 7.05
CA MET B 29 12.78 -21.61 5.94
C MET B 29 12.76 -20.14 6.38
N HIS B 30 12.83 -19.84 7.67
CA HIS B 30 12.91 -18.45 8.11
C HIS B 30 14.10 -18.33 9.07
N SER B 31 15.22 -17.82 8.57
CA SER B 31 16.40 -17.65 9.42
C SER B 31 17.24 -16.55 8.79
N HIS B 32 18.23 -16.08 9.55
CA HIS B 32 19.01 -14.92 9.14
C HIS B 32 20.50 -15.17 9.32
N PHE B 33 21.28 -14.41 8.57
CA PHE B 33 22.73 -14.46 8.64
C PHE B 33 23.23 -13.03 8.59
N PHE B 34 24.49 -12.83 8.96
CA PHE B 34 25.14 -11.54 8.80
C PHE B 34 26.58 -11.83 8.40
N PRO B 35 27.09 -11.22 7.33
CA PRO B 35 28.43 -11.59 6.84
C PRO B 35 29.54 -10.86 7.59
N ARG B 36 30.75 -11.39 7.42
CA ARG B 36 31.95 -10.82 8.03
C ARG B 36 32.40 -9.59 7.24
N ILE B 37 31.55 -8.56 7.29
CA ILE B 37 31.87 -7.26 6.70
C ILE B 37 32.80 -6.52 7.64
N SER B 38 33.91 -6.01 7.11
CA SER B 38 34.84 -5.25 7.92
C SER B 38 34.37 -3.81 8.05
N GLU B 39 34.88 -3.13 9.09
CA GLU B 39 34.56 -1.73 9.28
C GLU B 39 35.01 -0.89 8.08
N GLN B 40 36.20 -1.18 7.55
CA GLN B 40 36.70 -0.43 6.39
C GLN B 40 35.79 -0.63 5.19
N GLU B 41 35.39 -1.87 4.93
CA GLU B 41 34.58 -2.17 3.75
C GLU B 41 33.22 -1.47 3.83
N ALA B 42 32.56 -1.56 5.00
CA ALA B 42 31.28 -0.88 5.15
C ALA B 42 31.43 0.63 5.03
N ALA B 43 32.57 1.18 5.43
CA ALA B 43 32.75 2.62 5.44
C ALA B 43 32.89 3.20 4.03
N LYS B 44 33.31 2.39 3.06
CA LYS B 44 33.34 2.88 1.68
C LYS B 44 31.95 2.99 1.08
N PHE B 45 30.94 2.37 1.68
CA PHE B 45 29.55 2.58 1.27
C PHE B 45 28.93 3.74 2.05
N ASP B 46 28.95 3.64 3.38
CA ASP B 46 28.37 4.67 4.23
C ASP B 46 29.07 4.53 5.58
N ALA B 47 30.01 5.47 5.85
CA ALA B 47 30.77 5.42 7.09
C ALA B 47 29.89 5.43 8.33
N ASN B 48 28.65 5.95 8.24
CA ASN B 48 27.79 6.06 9.41
C ASN B 48 26.60 5.11 9.42
N HIS B 49 26.16 4.62 8.27
CA HIS B 49 24.92 3.86 8.22
C HIS B 49 25.04 2.46 7.62
N ALA B 50 26.21 2.08 7.12
CA ALA B 50 26.39 0.72 6.62
C ALA B 50 26.82 -0.18 7.76
N PRO B 51 26.10 -1.26 8.05
CA PRO B 51 26.48 -2.13 9.17
C PRO B 51 27.67 -3.01 8.83
N TRP B 52 28.44 -3.34 9.86
CA TRP B 52 29.53 -4.30 9.73
C TRP B 52 29.61 -5.16 10.99
N LEU B 53 30.40 -6.22 10.92
CA LEU B 53 30.46 -7.21 11.98
C LEU B 53 31.80 -7.12 12.69
N GLN B 54 31.75 -6.90 14.01
CA GLN B 54 32.91 -6.96 14.87
C GLN B 54 32.89 -8.29 15.62
N VAL B 55 34.00 -9.04 15.53
CA VAL B 55 34.13 -10.33 16.20
C VAL B 55 35.30 -10.25 17.17
N SER B 56 35.10 -10.77 18.38
CA SER B 56 36.13 -10.74 19.41
C SER B 56 37.33 -11.59 18.97
N ALA B 57 38.46 -11.39 19.65
CA ALA B 57 39.69 -12.10 19.29
C ALA B 57 39.56 -13.60 19.51
N LYS B 58 38.79 -14.01 20.53
CA LYS B 58 38.50 -15.42 20.74
C LYS B 58 37.55 -15.98 19.68
N GLY B 59 36.84 -15.11 18.96
CA GLY B 59 35.99 -15.53 17.88
C GLY B 59 34.63 -16.09 18.27
N ASP B 60 34.23 -15.98 19.54
CA ASP B 60 32.97 -16.58 19.98
C ASP B 60 31.86 -15.59 20.23
N THR B 61 32.16 -14.31 20.42
CA THR B 61 31.14 -13.28 20.55
C THR B 61 31.42 -12.18 19.54
N GLY B 62 30.39 -11.39 19.25
CA GLY B 62 30.53 -10.34 18.27
C GLY B 62 29.34 -9.41 18.31
N SER B 63 29.38 -8.40 17.44
CA SER B 63 28.33 -7.39 17.41
C SER B 63 28.17 -6.84 16.00
N ILE B 64 26.94 -6.46 15.67
CA ILE B 64 26.68 -5.65 14.49
C ILE B 64 26.96 -4.20 14.87
N MET B 65 27.77 -3.51 14.06
CA MET B 65 28.15 -2.13 14.31
C MET B 65 27.59 -1.22 13.23
N MET B 66 27.38 0.04 13.59
CA MET B 66 26.92 1.08 12.67
C MET B 66 27.93 2.22 12.77
N GLY B 67 28.90 2.22 11.86
CA GLY B 67 30.04 3.10 12.02
C GLY B 67 30.93 2.58 13.12
N LYS B 68 31.09 3.35 14.20
CA LYS B 68 31.88 2.91 15.34
C LYS B 68 31.03 2.66 16.58
N ASN B 69 29.71 2.74 16.46
CA ASN B 69 28.80 2.45 17.55
C ASN B 69 28.36 0.99 17.49
N ASN B 70 28.12 0.42 18.67
CA ASN B 70 27.53 -0.91 18.75
C ASN B 70 26.05 -0.84 18.40
N PHE B 71 25.60 -1.69 17.48
CA PHE B 71 24.18 -1.75 17.12
C PHE B 71 23.49 -2.82 17.97
N ARG B 72 23.88 -4.08 17.80
CA ARG B 72 23.32 -5.16 18.61
C ARG B 72 24.38 -6.25 18.77
N PRO B 73 24.50 -6.84 19.96
CA PRO B 73 25.35 -8.02 20.09
C PRO B 73 24.68 -9.23 19.45
N VAL B 74 25.47 -10.02 18.75
CA VAL B 74 25.02 -11.25 18.13
C VAL B 74 26.04 -12.33 18.47
N TYR B 75 25.70 -13.57 18.16
CA TYR B 75 26.61 -14.65 18.52
C TYR B 75 26.85 -15.54 17.31
N GLN B 76 27.74 -16.52 17.50
CA GLN B 76 28.52 -17.07 16.41
C GLN B 76 27.66 -17.62 15.27
N ALA B 77 26.49 -18.19 15.58
CA ALA B 77 25.73 -18.90 14.55
C ALA B 77 25.21 -17.97 13.45
N LEU B 78 25.11 -16.67 13.75
CA LEU B 78 24.66 -15.72 12.73
C LEU B 78 25.66 -15.59 11.59
N TRP B 79 26.96 -15.68 11.87
CA TRP B 79 27.98 -15.44 10.85
C TRP B 79 28.86 -16.65 10.52
N ASP B 80 28.81 -17.73 11.32
CA ASP B 80 29.67 -18.89 11.14
C ASP B 80 28.86 -20.08 10.62
N PRO B 81 28.93 -20.41 9.34
CA PRO B 81 28.17 -21.57 8.85
C PRO B 81 28.59 -22.90 9.46
N ALA B 82 29.87 -23.08 9.78
CA ALA B 82 30.30 -24.35 10.37
C ALA B 82 29.67 -24.54 11.74
N PHE B 83 29.73 -23.52 12.59
CA PHE B 83 29.08 -23.58 13.90
C PHE B 83 27.56 -23.72 13.75
N ARG B 84 26.99 -23.07 12.74
CA ARG B 84 25.55 -23.19 12.53
C ARG B 84 25.16 -24.63 12.19
N ILE B 85 25.99 -25.31 11.40
CA ILE B 85 25.68 -26.70 11.03
C ILE B 85 25.64 -27.58 12.28
N GLU B 86 26.56 -27.35 13.22
CA GLU B 86 26.53 -28.11 14.46
C GLU B 86 25.23 -27.90 15.20
N GLU B 87 24.74 -26.65 15.23
CA GLU B 87 23.47 -26.40 15.91
C GLU B 87 22.31 -27.02 15.15
N MET B 88 22.33 -26.95 13.82
CA MET B 88 21.27 -27.57 13.03
C MET B 88 21.25 -29.07 13.26
N ASP B 89 22.42 -29.68 13.39
CA ASP B 89 22.49 -31.09 13.74
C ASP B 89 21.81 -31.35 15.08
N ALA B 90 22.12 -30.52 16.10
CA ALA B 90 21.55 -30.73 17.42
C ALA B 90 20.04 -30.50 17.40
N GLN B 91 19.57 -29.55 16.60
CA GLN B 91 18.15 -29.22 16.52
C GLN B 91 17.36 -30.16 15.62
N GLY B 92 18.03 -31.03 14.88
CA GLY B 92 17.34 -31.90 13.94
C GLY B 92 16.88 -31.23 12.67
N VAL B 93 17.53 -30.13 12.28
CA VAL B 93 17.18 -29.40 11.05
C VAL B 93 18.09 -29.91 9.94
N ASP B 94 17.49 -30.48 8.90
CA ASP B 94 18.25 -30.95 7.75
C ASP B 94 18.67 -29.82 6.83
N VAL B 95 17.75 -28.94 6.46
CA VAL B 95 18.02 -27.84 5.54
C VAL B 95 17.48 -26.55 6.14
N GLN B 96 18.28 -25.49 6.09
CA GLN B 96 17.85 -24.18 6.56
C GLN B 96 18.02 -23.15 5.44
N VAL B 97 16.95 -22.43 5.16
CA VAL B 97 16.98 -21.28 4.24
C VAL B 97 17.24 -20.04 5.07
N THR B 98 18.28 -19.28 4.71
CA THR B 98 18.67 -18.12 5.50
C THR B 98 18.82 -16.92 4.57
N CYS B 99 18.63 -15.72 5.13
CA CYS B 99 18.67 -14.52 4.30
C CYS B 99 19.13 -13.37 5.17
N ALA B 100 19.23 -12.19 4.55
CA ALA B 100 19.85 -11.04 5.20
C ALA B 100 19.10 -10.65 6.49
N THR B 101 19.87 -10.24 7.47
CA THR B 101 19.32 -9.50 8.59
C THR B 101 18.77 -8.17 8.05
N PRO B 102 17.51 -7.82 8.35
CA PRO B 102 16.91 -6.65 7.67
C PRO B 102 17.70 -5.36 7.78
N VAL B 103 18.54 -5.19 8.80
CA VAL B 103 19.38 -4.00 8.88
C VAL B 103 20.34 -3.91 7.68
N MET B 104 20.48 -5.00 6.92
CA MET B 104 21.31 -5.02 5.73
C MET B 104 20.60 -4.46 4.49
N PHE B 105 19.30 -4.13 4.59
CA PHE B 105 18.49 -3.89 3.40
C PHE B 105 18.94 -2.66 2.63
N GLY B 106 19.24 -1.57 3.34
CA GLY B 106 19.71 -0.35 2.69
C GLY B 106 18.72 0.33 1.77
N TYR B 107 17.43 0.23 2.04
CA TYR B 107 16.40 0.75 1.14
C TYR B 107 16.39 2.26 1.03
N THR B 108 17.03 2.98 1.95
CA THR B 108 17.02 4.43 1.91
C THR B 108 18.25 5.01 1.23
N TRP B 109 19.21 4.18 0.84
CA TRP B 109 20.41 4.69 0.22
C TRP B 109 20.14 5.09 -1.22
N GLU B 110 21.08 5.85 -1.78
CA GLU B 110 21.07 6.12 -3.21
C GLU B 110 21.11 4.80 -3.97
N ALA B 111 20.33 4.72 -5.05
CA ALA B 111 19.97 3.45 -5.66
C ALA B 111 21.19 2.68 -6.17
N ASN B 112 22.09 3.36 -6.89
CA ASN B 112 23.27 2.64 -7.41
C ASN B 112 24.13 2.10 -6.28
N LYS B 113 24.33 2.90 -5.23
CA LYS B 113 25.08 2.41 -4.08
C LYS B 113 24.38 1.21 -3.44
N ALA B 114 23.06 1.26 -3.33
CA ALA B 114 22.31 0.13 -2.76
C ALA B 114 22.37 -1.09 -3.67
N ALA B 115 22.42 -0.88 -4.99
CA ALA B 115 22.55 -2.01 -5.90
C ALA B 115 23.91 -2.69 -5.75
N GLN B 116 24.96 -1.89 -5.55
CA GLN B 116 26.29 -2.46 -5.31
C GLN B 116 26.33 -3.23 -4.00
N TRP B 117 25.73 -2.64 -2.95
CA TRP B 117 25.64 -3.29 -1.64
C TRP B 117 24.90 -4.62 -1.73
N ALA B 118 23.75 -4.61 -2.41
CA ALA B 118 22.95 -5.85 -2.54
C ALA B 118 23.76 -6.95 -3.20
N GLU B 119 24.45 -6.63 -4.29
CA GLU B 119 25.27 -7.65 -4.95
C GLU B 119 26.35 -8.18 -4.02
N ARG B 120 27.02 -7.27 -3.29
CA ARG B 120 28.06 -7.66 -2.36
C ARG B 120 27.50 -8.58 -1.26
N MET B 121 26.37 -8.18 -0.66
CA MET B 121 25.70 -9.01 0.34
C MET B 121 25.26 -10.35 -0.22
N ASN B 122 24.70 -10.35 -1.43
CA ASN B 122 24.23 -11.60 -1.99
C ASN B 122 25.39 -12.53 -2.32
N ASP B 123 26.55 -11.98 -2.72
CA ASP B 123 27.73 -12.83 -2.90
C ASP B 123 28.20 -13.37 -1.55
N PHE B 124 28.20 -12.53 -0.52
CA PHE B 124 28.53 -13.01 0.83
C PHE B 124 27.61 -14.16 1.25
N ALA B 125 26.32 -14.06 0.90
CA ALA B 125 25.38 -15.11 1.24
C ALA B 125 25.76 -16.43 0.56
N LEU B 126 26.14 -16.37 -0.72
CA LEU B 126 26.52 -17.59 -1.41
C LEU B 126 27.80 -18.19 -0.84
N GLU B 127 28.73 -17.35 -0.38
CA GLU B 127 29.95 -17.88 0.24
C GLU B 127 29.64 -18.58 1.56
N PHE B 128 28.71 -18.01 2.33
CA PHE B 128 28.21 -18.65 3.54
C PHE B 128 27.60 -20.02 3.23
N ALA B 129 26.69 -20.08 2.26
CA ALA B 129 26.07 -21.35 1.88
C ALA B 129 27.11 -22.34 1.35
N ALA B 130 28.18 -21.85 0.75
CA ALA B 130 29.16 -22.72 0.10
C ALA B 130 29.82 -23.70 1.06
N HIS B 131 29.79 -23.44 2.37
CA HIS B 131 30.32 -24.41 3.33
C HIS B 131 29.47 -25.68 3.42
N ASN B 132 28.20 -25.62 3.06
CA ASN B 132 27.36 -26.81 2.97
C ASN B 132 26.13 -26.46 2.14
N PRO B 133 26.28 -26.38 0.81
CA PRO B 133 25.16 -25.91 -0.02
C PRO B 133 24.00 -26.90 -0.06
N GLN B 134 24.22 -28.16 0.29
CA GLN B 134 23.09 -29.06 0.40
C GLN B 134 22.20 -28.72 1.59
N ARG B 135 22.78 -28.21 2.68
CA ARG B 135 21.99 -27.98 3.89
C ARG B 135 21.71 -26.51 4.18
N ILE B 136 22.47 -25.59 3.58
CA ILE B 136 22.28 -24.16 3.75
C ILE B 136 21.86 -23.59 2.41
N LYS B 137 20.66 -23.00 2.37
CA LYS B 137 20.15 -22.30 1.19
C LYS B 137 20.02 -20.83 1.53
N VAL B 138 20.19 -19.97 0.52
CA VAL B 138 20.13 -18.54 0.75
C VAL B 138 19.08 -17.90 -0.16
N LEU B 139 18.49 -16.83 0.35
CA LEU B 139 17.67 -15.90 -0.41
C LEU B 139 18.38 -14.55 -0.48
N ALA B 140 18.05 -13.77 -1.51
CA ALA B 140 18.79 -12.56 -1.84
C ALA B 140 18.04 -11.30 -1.42
N GLN B 141 18.81 -10.22 -1.29
CA GLN B 141 18.23 -8.89 -1.11
C GLN B 141 18.32 -8.10 -2.41
N VAL B 142 17.40 -7.16 -2.58
CA VAL B 142 17.40 -6.33 -3.78
C VAL B 142 17.32 -4.84 -3.43
N PRO B 143 17.85 -3.95 -4.30
CA PRO B 143 17.69 -2.50 -4.10
C PRO B 143 16.30 -2.03 -4.51
N LEU B 144 15.32 -2.34 -3.66
CA LEU B 144 13.91 -2.15 -3.99
C LEU B 144 13.55 -0.69 -4.27
N GLN B 145 14.39 0.26 -3.88
CA GLN B 145 14.10 1.66 -4.19
C GLN B 145 14.25 1.98 -5.67
N ASP B 146 14.76 1.07 -6.50
CA ASP B 146 14.78 1.27 -7.94
C ASP B 146 14.29 -0.02 -8.59
N LEU B 147 13.10 0.02 -9.18
CA LEU B 147 12.50 -1.20 -9.72
C LEU B 147 13.42 -1.92 -10.69
N ASP B 148 14.07 -1.18 -11.60
CA ASP B 148 14.91 -1.84 -12.61
C ASP B 148 16.11 -2.53 -11.96
N LEU B 149 16.83 -1.82 -11.08
CA LEU B 149 17.96 -2.44 -10.39
C LEU B 149 17.52 -3.62 -9.53
N ALA B 150 16.33 -3.51 -8.93
CA ALA B 150 15.80 -4.59 -8.10
C ALA B 150 15.51 -5.84 -8.94
N CYS B 151 14.85 -5.66 -10.08
CA CYS B 151 14.55 -6.81 -10.93
C CYS B 151 15.83 -7.46 -11.46
N LYS B 152 16.83 -6.65 -11.85
CA LYS B 152 18.07 -7.25 -12.35
C LYS B 152 18.79 -8.02 -11.25
N GLU B 153 18.83 -7.47 -10.03
CA GLU B 153 19.51 -8.18 -8.95
C GLU B 153 18.78 -9.44 -8.56
N ALA B 154 17.44 -9.40 -8.53
CA ALA B 154 16.70 -10.64 -8.25
C ALA B 154 17.08 -11.73 -9.24
N SER B 155 17.11 -11.39 -10.53
CA SER B 155 17.43 -12.39 -11.54
C SER B 155 18.89 -12.85 -11.43
N ARG B 156 19.82 -11.91 -11.24
CA ARG B 156 21.24 -12.23 -11.12
C ARG B 156 21.53 -13.16 -9.94
N ALA B 157 20.94 -12.85 -8.78
CA ALA B 157 21.24 -13.62 -7.58
C ALA B 157 20.64 -15.01 -7.64
N VAL B 158 19.44 -15.14 -8.19
CA VAL B 158 18.85 -16.47 -8.36
C VAL B 158 19.68 -17.31 -9.33
N ALA B 159 20.12 -16.71 -10.45
CA ALA B 159 20.96 -17.45 -11.39
C ALA B 159 22.26 -17.91 -10.73
N ALA B 160 22.78 -17.14 -9.78
CA ALA B 160 24.03 -17.49 -9.11
C ALA B 160 23.85 -18.52 -7.99
N GLY B 161 22.61 -18.87 -7.65
CA GLY B 161 22.40 -19.93 -6.67
C GLY B 161 21.40 -19.67 -5.57
N HIS B 162 20.97 -18.41 -5.39
CA HIS B 162 19.92 -18.11 -4.41
C HIS B 162 18.62 -18.77 -4.85
N LEU B 163 17.79 -19.15 -3.86
CA LEU B 163 16.53 -19.83 -4.15
C LEU B 163 15.35 -18.88 -4.14
N GLY B 164 15.58 -17.60 -3.97
CA GLY B 164 14.48 -16.65 -3.85
C GLY B 164 15.00 -15.34 -3.31
N ILE B 165 14.06 -14.45 -3.02
CA ILE B 165 14.33 -13.10 -2.55
C ILE B 165 13.66 -12.93 -1.21
N GLN B 166 14.30 -12.21 -0.28
CA GLN B 166 13.60 -11.64 0.86
C GLN B 166 13.58 -10.12 0.73
N ILE B 167 12.38 -9.53 0.80
CA ILE B 167 12.20 -8.09 0.78
C ILE B 167 11.52 -7.68 2.08
N GLY B 168 11.73 -6.41 2.46
CA GLY B 168 10.88 -5.80 3.45
C GLY B 168 9.46 -5.65 2.93
N ASN B 169 8.53 -5.40 3.85
CA ASN B 169 7.11 -5.42 3.49
C ASN B 169 6.61 -4.11 2.93
N HIS B 170 7.37 -3.03 3.08
CA HIS B 170 6.97 -1.74 2.53
C HIS B 170 8.20 -0.90 2.24
N LEU B 171 8.00 0.14 1.46
CA LEU B 171 9.06 1.06 1.06
C LEU B 171 8.57 2.46 1.45
N GLY B 172 8.87 2.87 2.69
CA GLY B 172 8.32 4.11 3.18
C GLY B 172 6.80 4.02 3.20
N ASP B 173 6.15 5.03 2.63
CA ASP B 173 4.69 5.03 2.55
C ASP B 173 4.16 4.17 1.41
N LYS B 174 5.01 3.48 0.65
CA LYS B 174 4.56 2.60 -0.41
C LYS B 174 4.39 1.20 0.16
N ASP B 175 3.16 0.72 0.21
CA ASP B 175 2.87 -0.65 0.62
C ASP B 175 2.74 -1.52 -0.62
N LEU B 176 2.55 -2.82 -0.42
CA LEU B 176 2.65 -3.78 -1.52
C LEU B 176 1.62 -3.51 -2.63
N ASP B 177 0.58 -2.73 -2.34
CA ASP B 177 -0.36 -2.34 -3.39
C ASP B 177 0.26 -1.33 -4.37
N ASP B 178 1.35 -0.68 -4.00
CA ASP B 178 1.97 0.30 -4.88
C ASP B 178 2.44 -0.36 -6.16
N ALA B 179 2.21 0.31 -7.29
CA ALA B 179 2.51 -0.29 -8.59
C ALA B 179 3.96 -0.73 -8.69
N THR B 180 4.87 -0.01 -8.04
CA THR B 180 6.28 -0.40 -8.16
C THR B 180 6.53 -1.73 -7.46
N LEU B 181 5.96 -1.90 -6.26
CA LEU B 181 6.15 -3.14 -5.54
C LEU B 181 5.38 -4.27 -6.20
N GLU B 182 4.16 -4.00 -6.67
CA GLU B 182 3.44 -5.01 -7.44
C GLU B 182 4.22 -5.43 -8.68
N ALA B 183 4.89 -4.48 -9.34
CA ALA B 183 5.67 -4.82 -10.53
C ALA B 183 6.84 -5.71 -10.18
N PHE B 184 7.51 -5.46 -9.05
CA PHE B 184 8.58 -6.34 -8.63
C PHE B 184 8.06 -7.75 -8.37
N LEU B 185 6.92 -7.88 -7.67
CA LEU B 185 6.35 -9.21 -7.41
C LEU B 185 6.04 -9.93 -8.73
N THR B 186 5.52 -9.19 -9.72
CA THR B 186 5.17 -9.81 -10.98
C THR B 186 6.40 -10.24 -11.75
N HIS B 187 7.48 -9.47 -11.68
CA HIS B 187 8.74 -9.90 -12.28
C HIS B 187 9.18 -11.24 -11.68
N CYS B 188 9.14 -11.35 -10.36
CA CYS B 188 9.53 -12.59 -9.70
C CYS B 188 8.62 -13.74 -10.10
N ALA B 189 7.30 -13.50 -10.14
CA ALA B 189 6.37 -14.52 -10.60
C ALA B 189 6.76 -15.03 -11.98
N ASN B 190 7.00 -14.11 -12.92
CA ASN B 190 7.24 -14.51 -14.30
C ASN B 190 8.58 -15.22 -14.48
N GLU B 191 9.50 -15.06 -13.54
CA GLU B 191 10.78 -15.75 -13.60
C GLU B 191 10.90 -16.86 -12.56
N ASP B 192 9.78 -17.26 -11.94
CA ASP B 192 9.74 -18.35 -10.95
C ASP B 192 10.70 -18.09 -9.79
N ILE B 193 10.71 -16.86 -9.30
CA ILE B 193 11.54 -16.44 -8.17
C ILE B 193 10.63 -16.34 -6.94
N PRO B 194 10.76 -17.25 -5.97
CA PRO B 194 9.93 -17.15 -4.76
C PRO B 194 10.35 -15.97 -3.91
N ILE B 195 9.41 -15.44 -3.12
CA ILE B 195 9.64 -14.25 -2.32
C ILE B 195 9.25 -14.53 -0.88
N LEU B 196 10.13 -14.17 0.06
CA LEU B 196 9.78 -14.07 1.47
C LEU B 196 9.62 -12.58 1.79
N VAL B 197 8.46 -12.21 2.32
CA VAL B 197 8.20 -10.83 2.74
C VAL B 197 8.39 -10.75 4.25
N HIS B 198 9.29 -9.88 4.67
CA HIS B 198 9.65 -9.72 6.06
C HIS B 198 9.25 -8.35 6.56
N PRO B 199 8.57 -8.24 7.69
CA PRO B 199 8.26 -6.91 8.25
C PRO B 199 9.54 -6.17 8.60
N TRP B 200 9.53 -4.86 8.37
CA TRP B 200 10.72 -4.05 8.56
CA TRP B 200 10.73 -4.04 8.54
C TRP B 200 10.31 -2.59 8.56
N ASP B 201 11.09 -1.76 9.27
CA ASP B 201 10.85 -0.31 9.34
C ASP B 201 9.43 -0.04 9.86
N MET B 202 9.24 -0.41 11.13
CA MET B 202 7.91 -0.53 11.72
C MET B 202 7.22 0.83 11.89
N MET B 203 5.92 0.87 11.58
CA MET B 203 5.09 2.01 11.88
C MET B 203 5.08 2.28 13.39
N GLY B 204 4.55 3.46 13.76
CA GLY B 204 4.30 3.81 15.15
C GLY B 204 5.00 5.06 15.61
N GLY B 205 6.02 5.53 14.88
CA GLY B 205 6.61 6.81 15.20
C GLY B 205 7.30 6.80 16.56
N GLN B 206 6.93 7.78 17.39
CA GLN B 206 7.57 7.99 18.68
C GLN B 206 6.96 7.15 19.80
N ARG B 207 5.94 6.36 19.52
CA ARG B 207 5.42 5.45 20.53
C ARG B 207 6.24 4.16 20.54
N MET B 208 5.86 3.23 21.41
CA MET B 208 6.47 1.89 21.45
C MET B 208 7.97 1.97 21.73
N LYS B 209 8.36 2.85 22.63
CA LYS B 209 9.76 3.01 22.96
C LYS B 209 10.29 1.90 23.87
N LYS B 210 9.43 1.15 24.55
CA LYS B 210 9.89 0.22 25.58
C LYS B 210 9.37 -1.20 25.35
N TRP B 211 10.04 -2.13 26.02
CA TRP B 211 9.62 -3.54 26.13
C TRP B 211 9.52 -4.22 24.76
N MET B 212 10.31 -3.74 23.80
CA MET B 212 10.31 -4.28 22.44
C MET B 212 8.92 -4.27 21.82
N LEU B 213 8.11 -3.27 22.19
CA LEU B 213 6.77 -3.15 21.62
C LEU B 213 6.73 -3.09 20.09
N PRO B 214 7.72 -2.50 19.40
CA PRO B 214 7.68 -2.56 17.92
C PRO B 214 7.70 -3.97 17.37
N TRP B 215 8.39 -4.91 18.02
CA TRP B 215 8.40 -6.30 17.60
C TRP B 215 7.13 -7.04 17.98
N LEU B 216 6.43 -6.60 19.01
CA LEU B 216 5.23 -7.29 19.49
C LEU B 216 3.95 -6.74 18.89
N VAL B 217 3.90 -5.45 18.58
CA VAL B 217 2.69 -4.79 18.08
C VAL B 217 2.87 -4.37 16.63
N ALA B 218 3.85 -3.50 16.37
CA ALA B 218 3.99 -2.95 15.03
C ALA B 218 4.38 -4.01 14.02
N MET B 219 5.27 -4.93 14.39
CA MET B 219 5.72 -5.94 13.42
C MET B 219 4.60 -6.85 12.92
N PRO B 220 3.72 -7.42 13.76
CA PRO B 220 2.59 -8.19 13.20
C PRO B 220 1.63 -7.34 12.40
N ALA B 221 1.42 -6.08 12.80
CA ALA B 221 0.52 -5.21 12.03
C ALA B 221 1.14 -4.89 10.67
N GLU B 222 2.47 -4.73 10.60
CA GLU B 222 3.13 -4.48 9.33
C GLU B 222 2.85 -5.61 8.36
N THR B 223 3.01 -6.85 8.81
CA THR B 223 2.81 -8.00 7.93
C THR B 223 1.35 -8.14 7.53
N GLN B 224 0.42 -7.96 8.47
CA GLN B 224 -0.99 -7.97 8.12
C GLN B 224 -1.31 -6.90 7.06
N LEU B 225 -0.78 -5.68 7.26
CA LEU B 225 -1.00 -4.60 6.30
C LEU B 225 -0.50 -4.97 4.91
N ALA B 226 0.66 -5.64 4.82
CA ALA B 226 1.20 -6.05 3.52
C ALA B 226 0.27 -7.04 2.83
N ILE B 227 -0.26 -8.02 3.57
CA ILE B 227 -1.20 -8.98 2.99
C ILE B 227 -2.50 -8.28 2.56
N LEU B 228 -3.10 -7.48 3.45
CA LEU B 228 -4.35 -6.83 3.08
C LEU B 228 -4.14 -5.85 1.92
N SER B 229 -2.95 -5.27 1.84
CA SER B 229 -2.67 -4.34 0.75
C SER B 229 -2.73 -5.06 -0.59
N LEU B 230 -2.18 -6.28 -0.67
CA LEU B 230 -2.32 -7.08 -1.89
C LEU B 230 -3.77 -7.47 -2.13
N ILE B 231 -4.48 -7.94 -1.10
CA ILE B 231 -5.83 -8.45 -1.32
C ILE B 231 -6.80 -7.33 -1.69
N LEU B 232 -6.88 -6.31 -0.84
CA LEU B 232 -7.94 -5.30 -1.02
C LEU B 232 -7.68 -4.39 -2.20
N SER B 233 -6.44 -4.29 -2.66
CA SER B 233 -6.15 -3.51 -3.86
C SER B 233 -6.46 -4.27 -5.15
N GLY B 234 -6.84 -5.53 -5.07
CA GLY B 234 -6.99 -6.33 -6.26
C GLY B 234 -5.68 -6.78 -6.88
N ALA B 235 -4.56 -6.65 -6.16
CA ALA B 235 -3.26 -7.02 -6.74
C ALA B 235 -3.24 -8.47 -7.20
N PHE B 236 -3.89 -9.38 -6.46
CA PHE B 236 -3.87 -10.79 -6.84
C PHE B 236 -4.66 -11.04 -8.12
N GLU B 237 -5.61 -10.16 -8.45
CA GLU B 237 -6.26 -10.23 -9.75
C GLU B 237 -5.28 -9.93 -10.88
N ARG B 238 -4.23 -9.16 -10.59
CA ARG B 238 -3.27 -8.77 -11.62
C ARG B 238 -2.00 -9.60 -11.62
N ILE B 239 -1.52 -10.01 -10.44
CA ILE B 239 -0.27 -10.78 -10.32
C ILE B 239 -0.53 -12.22 -10.77
N PRO B 240 0.32 -12.78 -11.63
CA PRO B 240 0.11 -14.17 -12.07
C PRO B 240 0.05 -15.15 -10.91
N LYS B 241 -0.78 -16.18 -11.08
CA LYS B 241 -0.93 -17.20 -10.05
C LYS B 241 0.36 -17.94 -9.79
N SER B 242 1.33 -17.85 -10.70
CA SER B 242 2.62 -18.51 -10.53
C SER B 242 3.40 -17.96 -9.35
N LEU B 243 3.04 -16.78 -8.83
CA LEU B 243 3.81 -16.16 -7.75
C LEU B 243 3.81 -17.07 -6.53
N LYS B 244 5.00 -17.36 -6.03
CA LYS B 244 5.21 -18.04 -4.76
C LYS B 244 5.67 -16.95 -3.79
N ILE B 245 4.80 -16.60 -2.85
CA ILE B 245 5.14 -15.53 -1.90
C ILE B 245 4.75 -15.99 -0.50
N CYS B 246 5.66 -15.84 0.46
CA CYS B 246 5.43 -16.23 1.84
C CYS B 246 5.58 -15.02 2.75
N PHE B 247 4.71 -14.91 3.76
CA PHE B 247 4.79 -13.84 4.75
C PHE B 247 5.31 -14.37 6.08
N GLY B 248 6.25 -13.64 6.67
CA GLY B 248 6.91 -14.09 7.87
C GLY B 248 6.04 -13.99 9.11
N HIS B 249 6.44 -14.73 10.14
CA HIS B 249 5.77 -14.70 11.45
C HIS B 249 4.28 -15.03 11.32
N GLY B 250 3.97 -16.08 10.57
CA GLY B 250 2.60 -16.53 10.43
C GLY B 250 1.68 -15.57 9.72
N GLY B 251 2.23 -14.55 9.05
CA GLY B 251 1.39 -13.51 8.51
C GLY B 251 1.02 -12.44 9.51
N GLY B 252 1.74 -12.34 10.61
CA GLY B 252 1.39 -11.36 11.63
C GLY B 252 0.03 -11.72 12.21
N SER B 253 -0.85 -10.73 12.31
CA SER B 253 -2.18 -10.95 12.86
C SER B 253 -3.23 -11.24 11.79
N PHE B 254 -2.81 -11.47 10.54
CA PHE B 254 -3.74 -11.58 9.43
C PHE B 254 -4.85 -12.61 9.68
N ALA B 255 -4.47 -13.84 10.04
CA ALA B 255 -5.45 -14.93 10.12
C ALA B 255 -6.47 -14.70 11.23
N PHE B 256 -6.06 -14.07 12.33
CA PHE B 256 -7.01 -13.82 13.42
C PHE B 256 -7.99 -12.73 13.06
N LEU B 257 -7.56 -11.74 12.29
CA LEU B 257 -8.35 -10.55 11.98
C LEU B 257 -9.06 -10.66 10.64
N LEU B 258 -8.97 -11.81 9.96
CA LEU B 258 -9.59 -11.98 8.65
C LEU B 258 -11.11 -11.88 8.71
N GLY B 259 -11.72 -12.41 9.78
CA GLY B 259 -13.16 -12.28 9.91
C GLY B 259 -13.63 -10.84 9.90
N ARG B 260 -12.90 -9.97 10.61
CA ARG B 260 -13.19 -8.54 10.63
C ARG B 260 -13.07 -7.93 9.24
N VAL B 261 -12.12 -8.42 8.44
CA VAL B 261 -11.91 -7.92 7.08
C VAL B 261 -13.03 -8.37 6.15
N ASP B 262 -13.43 -9.64 6.24
CA ASP B 262 -14.54 -10.13 5.41
C ASP B 262 -15.82 -9.38 5.73
N ASN B 263 -16.08 -9.11 7.01
CA ASN B 263 -17.26 -8.36 7.39
C ASN B 263 -17.24 -6.95 6.81
N ALA B 264 -16.08 -6.29 6.87
CA ALA B 264 -15.95 -4.95 6.29
C ALA B 264 -16.19 -4.98 4.80
N TRP B 265 -15.62 -5.96 4.11
CA TRP B 265 -15.82 -6.12 2.68
C TRP B 265 -17.29 -6.31 2.35
N ARG B 266 -17.98 -7.17 3.10
CA ARG B 266 -19.39 -7.43 2.80
C ARG B 266 -20.28 -6.22 3.09
N HIS B 267 -19.83 -5.25 3.90
CA HIS B 267 -20.73 -4.21 4.37
C HIS B 267 -20.30 -2.78 4.05
N ARG B 268 -19.22 -2.56 3.30
CA ARG B 268 -18.91 -1.20 2.87
C ARG B 268 -18.32 -1.25 1.48
N ASP B 269 -18.97 -0.52 0.56
CA ASP B 269 -18.55 -0.49 -0.83
C ASP B 269 -17.09 -0.11 -0.98
N ILE B 270 -16.59 0.83 -0.17
CA ILE B 270 -15.22 1.28 -0.37
C ILE B 270 -14.20 0.20 0.00
N VAL B 271 -14.59 -0.83 0.74
CA VAL B 271 -13.66 -1.93 1.00
C VAL B 271 -13.69 -2.95 -0.14
N ARG B 272 -14.84 -3.07 -0.83
CA ARG B 272 -15.05 -3.94 -1.99
C ARG B 272 -14.54 -3.35 -3.29
N GLU B 273 -14.23 -2.05 -3.32
CA GLU B 273 -14.04 -1.32 -4.57
C GLU B 273 -13.13 -2.02 -5.56
N ASP B 274 -12.01 -2.54 -5.08
CA ASP B 274 -10.96 -3.04 -5.95
C ASP B 274 -10.73 -4.53 -5.78
N CYS B 275 -11.57 -5.21 -5.01
CA CYS B 275 -11.32 -6.59 -4.61
C CYS B 275 -12.59 -7.38 -4.90
N PRO B 276 -12.64 -8.11 -6.03
CA PRO B 276 -13.92 -8.68 -6.47
C PRO B 276 -14.39 -9.91 -5.72
N ARG B 277 -13.54 -10.56 -4.93
CA ARG B 277 -13.92 -11.75 -4.19
C ARG B 277 -13.77 -11.48 -2.69
N PRO B 278 -14.50 -12.21 -1.85
CA PRO B 278 -14.29 -12.10 -0.40
C PRO B 278 -12.82 -12.25 -0.06
N PRO B 279 -12.26 -11.33 0.74
CA PRO B 279 -10.81 -11.37 1.02
C PRO B 279 -10.28 -12.74 1.44
N SER B 280 -11.04 -13.49 2.25
CA SER B 280 -10.54 -14.77 2.74
C SER B 280 -10.34 -15.80 1.64
N GLU B 281 -10.92 -15.61 0.45
CA GLU B 281 -10.67 -16.56 -0.63
C GLU B 281 -9.25 -16.45 -1.16
N TYR B 282 -8.58 -15.31 -0.99
CA TYR B 282 -7.25 -15.13 -1.56
C TYR B 282 -6.15 -15.85 -0.78
N VAL B 283 -6.48 -16.57 0.30
CA VAL B 283 -5.43 -17.32 1.00
C VAL B 283 -4.81 -18.38 0.10
N ASP B 284 -5.48 -18.76 -1.00
CA ASP B 284 -4.89 -19.69 -1.95
C ASP B 284 -3.84 -19.04 -2.85
N ARG B 285 -3.45 -17.80 -2.57
CA ARG B 285 -2.46 -17.12 -3.39
C ARG B 285 -1.17 -16.82 -2.64
N PHE B 286 -1.05 -17.22 -1.37
CA PHE B 286 0.17 -16.93 -0.63
C PHE B 286 0.36 -17.95 0.49
N PHE B 287 1.54 -17.89 1.09
CA PHE B 287 1.98 -18.76 2.16
C PHE B 287 2.32 -17.93 3.39
N VAL B 288 2.46 -18.62 4.53
CA VAL B 288 2.97 -18.04 5.76
C VAL B 288 3.95 -19.02 6.39
N ASP B 289 4.85 -18.50 7.21
CA ASP B 289 5.59 -19.42 8.05
C ASP B 289 4.75 -19.72 9.30
N SER B 290 5.26 -20.61 10.15
CA SER B 290 4.51 -21.18 11.25
C SER B 290 4.85 -20.55 12.59
N ALA B 291 5.60 -19.45 12.62
CA ALA B 291 6.15 -18.89 13.85
C ALA B 291 5.09 -18.01 14.54
N VAL B 292 4.21 -18.66 15.29
CA VAL B 292 3.17 -17.97 16.06
C VAL B 292 3.21 -18.30 17.54
N PHE B 293 4.08 -19.23 17.96
CA PHE B 293 4.50 -19.38 19.36
C PHE B 293 3.34 -19.74 20.28
N ASN B 294 2.37 -20.47 19.78
CA ASN B 294 1.22 -20.83 20.58
C ASN B 294 0.43 -21.93 19.86
N PRO B 295 0.02 -22.97 20.58
CA PRO B 295 -0.66 -24.09 19.88
C PRO B 295 -1.99 -23.67 19.27
N GLY B 296 -2.80 -22.90 20.00
CA GLY B 296 -4.09 -22.50 19.46
C GLY B 296 -3.96 -21.55 18.28
N ALA B 297 -2.97 -20.66 18.34
CA ALA B 297 -2.71 -19.79 17.20
C ALA B 297 -2.30 -20.59 15.96
N LEU B 298 -1.48 -21.62 16.13
CA LEU B 298 -1.12 -22.47 15.01
C LEU B 298 -2.35 -23.17 14.42
N GLU B 299 -3.21 -23.72 15.29
CA GLU B 299 -4.41 -24.40 14.77
C GLU B 299 -5.28 -23.44 13.97
N LEU B 300 -5.47 -22.22 14.50
CA LEU B 300 -6.25 -21.23 13.76
C LEU B 300 -5.56 -20.85 12.45
N LEU B 301 -4.23 -20.75 12.48
CA LEU B 301 -3.49 -20.38 11.26
C LEU B 301 -3.67 -21.45 10.18
N VAL B 302 -3.51 -22.72 10.55
CA VAL B 302 -3.68 -23.83 9.60
C VAL B 302 -5.11 -23.92 9.12
N SER B 303 -6.07 -23.68 10.03
CA SER B 303 -7.47 -23.65 9.64
C SER B 303 -7.74 -22.59 8.57
N VAL B 304 -7.09 -21.43 8.69
CA VAL B 304 -7.29 -20.33 7.75
C VAL B 304 -6.53 -20.58 6.45
N MET B 305 -5.26 -20.96 6.55
CA MET B 305 -4.40 -21.03 5.37
C MET B 305 -4.45 -22.39 4.68
N GLY B 306 -4.81 -23.45 5.39
CA GLY B 306 -4.65 -24.77 4.81
C GLY B 306 -3.29 -25.35 5.13
N GLU B 307 -3.25 -26.67 5.31
CA GLU B 307 -2.02 -27.35 5.66
C GLU B 307 -0.98 -27.27 4.55
N ASP B 308 -1.39 -26.94 3.33
CA ASP B 308 -0.45 -26.81 2.22
C ASP B 308 0.25 -25.46 2.16
N ARG B 309 -0.16 -24.48 2.98
CA ARG B 309 0.31 -23.11 2.80
C ARG B 309 1.01 -22.57 4.04
N VAL B 310 1.38 -23.44 4.98
CA VAL B 310 2.12 -23.06 6.18
C VAL B 310 3.44 -23.82 6.15
N MET B 311 4.56 -23.11 6.39
CA MET B 311 5.88 -23.71 6.37
C MET B 311 6.60 -23.42 7.67
N LEU B 312 7.30 -24.42 8.20
CA LEU B 312 8.10 -24.21 9.39
C LEU B 312 9.17 -23.14 9.17
N GLY B 313 9.17 -22.14 10.04
CA GLY B 313 10.22 -21.15 10.07
C GLY B 313 10.45 -20.76 11.51
N SER B 314 11.70 -20.45 11.84
CA SER B 314 12.09 -20.30 13.23
C SER B 314 12.55 -18.92 13.65
N ASP B 315 12.99 -18.08 12.71
CA ASP B 315 13.66 -16.82 13.03
C ASP B 315 15.00 -17.04 13.73
N TYR B 316 15.56 -18.23 13.59
CA TYR B 316 16.92 -18.53 14.00
C TYR B 316 17.89 -17.52 13.39
N PRO B 317 18.91 -17.04 14.15
CA PRO B 317 19.29 -17.37 15.52
C PRO B 317 18.91 -16.28 16.53
N PHE B 318 17.79 -15.59 16.29
CA PHE B 318 17.46 -14.42 17.09
C PHE B 318 16.65 -14.80 18.32
N PRO B 319 16.74 -13.96 19.37
CA PRO B 319 16.02 -14.27 20.64
C PRO B 319 14.51 -14.39 20.53
N LEU B 320 13.85 -13.63 19.64
CA LEU B 320 12.41 -13.76 19.51
C LEU B 320 12.03 -14.85 18.53
N GLY B 321 13.01 -15.73 18.19
CA GLY B 321 12.76 -16.92 17.40
C GLY B 321 12.36 -18.10 18.27
N GLU B 322 12.13 -19.24 17.60
CA GLU B 322 11.73 -20.46 18.29
C GLU B 322 12.99 -21.19 18.76
N GLN B 323 13.15 -21.31 20.08
CA GLN B 323 14.39 -21.89 20.59
C GLN B 323 14.52 -23.36 20.22
N LYS B 324 13.45 -24.13 20.33
CA LYS B 324 13.48 -25.52 19.87
C LYS B 324 12.74 -25.60 18.53
N ILE B 325 13.53 -25.59 17.45
CA ILE B 325 13.00 -25.41 16.11
C ILE B 325 12.07 -26.56 15.76
N GLY B 326 10.85 -26.23 15.36
CA GLY B 326 9.87 -27.23 15.02
C GLY B 326 9.07 -27.78 16.18
N GLY B 327 9.39 -27.38 17.42
CA GLY B 327 8.72 -27.94 18.58
C GLY B 327 7.23 -27.70 18.59
N LEU B 328 6.80 -26.48 18.23
CA LEU B 328 5.38 -26.16 18.24
C LEU B 328 4.62 -27.03 17.25
N VAL B 329 5.16 -27.20 16.05
CA VAL B 329 4.47 -28.01 15.04
C VAL B 329 4.48 -29.48 15.44
N LEU B 330 5.62 -29.97 15.93
CA LEU B 330 5.76 -31.40 16.21
C LEU B 330 4.92 -31.83 17.40
N SER B 331 4.73 -30.95 18.38
CA SER B 331 3.89 -31.22 19.55
C SER B 331 2.43 -30.90 19.32
N SER B 332 2.06 -30.41 18.14
CA SER B 332 0.67 -30.06 17.87
C SER B 332 -0.18 -31.31 17.72
N ASN B 333 -1.49 -31.08 17.60
CA ASN B 333 -2.45 -32.14 17.35
C ASN B 333 -2.86 -32.21 15.88
N LEU B 334 -2.14 -31.53 15.00
CA LEU B 334 -2.40 -31.69 13.58
C LEU B 334 -2.08 -33.11 13.16
N GLY B 335 -2.71 -33.57 12.09
CA GLY B 335 -2.39 -34.88 11.56
C GLY B 335 -0.91 -35.02 11.23
N GLU B 336 -0.45 -36.26 11.18
CA GLU B 336 0.94 -36.50 10.79
C GLU B 336 1.19 -36.04 9.36
N SER B 337 0.21 -36.22 8.47
CA SER B 337 0.35 -35.75 7.11
C SER B 337 0.49 -34.23 7.07
N ALA B 338 -0.31 -33.52 7.86
CA ALA B 338 -0.18 -32.06 7.92
C ALA B 338 1.16 -31.64 8.50
N LYS B 339 1.60 -32.32 9.57
CA LYS B 339 2.90 -32.01 10.16
C LYS B 339 4.02 -32.17 9.15
N ASP B 340 3.96 -33.23 8.33
CA ASP B 340 5.01 -33.49 7.36
C ASP B 340 5.06 -32.39 6.31
N LYS B 341 3.89 -31.91 5.87
CA LYS B 341 3.85 -30.79 4.94
C LYS B 341 4.50 -29.56 5.53
N ILE B 342 4.15 -29.22 6.77
CA ILE B 342 4.60 -27.97 7.37
C ILE B 342 6.10 -28.01 7.63
N ILE B 343 6.61 -29.14 8.13
CA ILE B 343 8.03 -29.19 8.46
C ILE B 343 8.92 -29.50 7.25
N SER B 344 8.36 -29.93 6.12
CA SER B 344 9.23 -30.35 5.02
C SER B 344 8.60 -30.20 3.64
N GLY B 345 7.41 -30.77 3.44
CA GLY B 345 6.88 -30.93 2.10
C GLY B 345 6.53 -29.62 1.43
N ASN B 346 5.99 -28.68 2.19
CA ASN B 346 5.60 -27.38 1.63
C ASN B 346 6.81 -26.58 1.18
N ALA B 347 7.83 -26.45 2.06
CA ALA B 347 9.01 -25.69 1.70
C ALA B 347 9.81 -26.36 0.59
N SER B 348 9.79 -27.71 0.55
CA SER B 348 10.47 -28.43 -0.52
C SER B 348 9.95 -27.99 -1.88
N LYS B 349 8.63 -27.87 -2.02
CA LYS B 349 8.02 -27.45 -3.26
C LYS B 349 8.16 -25.96 -3.49
N PHE B 350 8.00 -25.17 -2.42
CA PHE B 350 8.05 -23.70 -2.54
C PHE B 350 9.41 -23.23 -3.03
N PHE B 351 10.50 -23.71 -2.43
CA PHE B 351 11.83 -23.25 -2.81
C PHE B 351 12.52 -24.17 -3.82
N ASN B 352 11.87 -25.27 -4.22
CA ASN B 352 12.47 -26.26 -5.12
C ASN B 352 13.73 -26.86 -4.49
N ILE B 353 13.55 -27.44 -3.31
CA ILE B 353 14.61 -28.12 -2.56
C ILE B 353 14.37 -29.62 -2.65
N ASN B 354 15.43 -30.37 -2.90
CA ASN B 354 15.29 -31.83 -2.97
C ASN B 354 16.31 -32.50 -2.06
N LYS C 24 -33.98 -14.44 29.92
CA LYS C 24 -32.63 -14.56 29.36
C LYS C 24 -32.33 -13.34 28.50
N PRO C 25 -31.89 -12.26 29.13
CA PRO C 25 -31.73 -10.99 28.41
C PRO C 25 -30.57 -10.98 27.41
N ARG C 26 -30.44 -9.89 26.66
CA ARG C 26 -29.30 -9.65 25.78
C ARG C 26 -28.80 -8.24 26.03
N ILE C 27 -27.54 -8.12 26.44
CA ILE C 27 -26.88 -6.83 26.59
C ILE C 27 -25.88 -6.67 25.46
N ASP C 28 -25.91 -5.50 24.81
CA ASP C 28 -24.92 -5.10 23.82
C ASP C 28 -24.12 -3.96 24.45
N MET C 29 -22.90 -4.23 24.89
CA MET C 29 -22.16 -3.25 25.65
C MET C 29 -21.14 -2.47 24.82
N HIS C 30 -21.18 -2.58 23.49
CA HIS C 30 -20.27 -1.80 22.64
C HIS C 30 -21.07 -1.12 21.52
N SER C 31 -21.31 0.19 21.68
CA SER C 31 -22.05 0.95 20.69
C SER C 31 -21.74 2.44 20.88
N HIS C 32 -22.19 3.25 19.92
CA HIS C 32 -21.81 4.65 19.91
C HIS C 32 -22.99 5.55 19.56
N PHE C 33 -22.83 6.82 19.92
CA PHE C 33 -23.82 7.85 19.61
C PHE C 33 -23.11 9.17 19.36
N PHE C 34 -23.83 10.09 18.72
CA PHE C 34 -23.35 11.45 18.55
C PHE C 34 -24.59 12.30 18.77
N PRO C 35 -24.61 13.21 19.73
CA PRO C 35 -25.85 13.91 20.07
C PRO C 35 -26.15 15.03 19.08
N ARG C 36 -27.41 15.45 19.08
CA ARG C 36 -27.78 16.59 18.24
C ARG C 36 -27.03 17.80 18.74
N ILE C 37 -26.09 18.31 17.94
CA ILE C 37 -25.32 19.51 18.26
C ILE C 37 -25.34 20.41 17.03
N SER C 38 -25.75 21.67 17.20
CA SER C 38 -25.76 22.57 16.07
C SER C 38 -24.38 23.21 15.87
N GLU C 39 -24.20 23.80 14.68
CA GLU C 39 -22.97 24.54 14.41
C GLU C 39 -22.73 25.62 15.46
N GLN C 40 -23.77 26.35 15.85
CA GLN C 40 -23.60 27.43 16.81
C GLN C 40 -23.29 26.91 18.21
N GLU C 41 -23.89 25.77 18.59
CA GLU C 41 -23.58 25.19 19.89
C GLU C 41 -22.12 24.76 19.97
N ALA C 42 -21.63 24.09 18.92
CA ALA C 42 -20.23 23.70 18.87
C ALA C 42 -19.30 24.89 18.77
N ALA C 43 -19.73 25.95 18.07
CA ALA C 43 -18.88 27.12 17.88
C ALA C 43 -18.57 27.82 19.19
N LYS C 44 -19.46 27.70 20.17
CA LYS C 44 -19.20 28.34 21.46
C LYS C 44 -18.10 27.63 22.24
N PHE C 45 -17.78 26.40 21.86
CA PHE C 45 -16.60 25.72 22.40
C PHE C 45 -15.39 25.94 21.48
N ASP C 46 -15.46 25.44 20.25
CA ASP C 46 -14.37 25.63 19.30
C ASP C 46 -14.96 25.77 17.91
N ALA C 47 -14.89 26.98 17.35
CA ALA C 47 -15.46 27.22 16.02
C ALA C 47 -14.75 26.42 14.93
N ASN C 48 -13.56 25.89 15.21
CA ASN C 48 -12.81 25.13 14.22
C ASN C 48 -12.68 23.66 14.52
N HIS C 49 -12.81 23.24 15.78
CA HIS C 49 -12.53 21.86 16.15
C HIS C 49 -13.64 21.15 16.89
N ALA C 50 -14.58 21.86 17.49
CA ALA C 50 -15.66 21.19 18.18
C ALA C 50 -16.59 20.56 17.14
N PRO C 51 -16.84 19.25 17.21
CA PRO C 51 -17.72 18.62 16.22
C PRO C 51 -19.18 18.96 16.48
N TRP C 52 -19.95 19.02 15.39
CA TRP C 52 -21.40 19.18 15.47
C TRP C 52 -22.05 18.33 14.38
N LEU C 53 -23.38 18.29 14.40
CA LEU C 53 -24.15 17.38 13.54
C LEU C 53 -24.97 18.19 12.53
N GLN C 54 -24.71 17.96 11.25
CA GLN C 54 -25.47 18.52 10.14
C GLN C 54 -26.39 17.43 9.62
N VAL C 55 -27.71 17.62 9.78
CA VAL C 55 -28.69 16.62 9.35
C VAL C 55 -29.25 17.02 7.99
N SER C 56 -29.40 16.03 7.10
CA SER C 56 -29.90 16.29 5.75
C SER C 56 -31.36 16.71 5.79
N ALA C 57 -31.83 17.26 4.67
CA ALA C 57 -33.22 17.71 4.60
C ALA C 57 -34.19 16.55 4.74
N LYS C 58 -33.79 15.35 4.30
CA LYS C 58 -34.64 14.18 4.41
C LYS C 58 -34.68 13.63 5.83
N GLY C 59 -33.68 13.97 6.66
CA GLY C 59 -33.70 13.67 8.08
C GLY C 59 -33.17 12.31 8.49
N ASP C 60 -32.72 11.48 7.53
CA ASP C 60 -32.28 10.12 7.81
C ASP C 60 -30.77 9.92 7.70
N THR C 61 -30.04 10.90 7.16
CA THR C 61 -28.58 10.87 7.15
C THR C 61 -28.07 12.25 7.51
N GLY C 62 -26.78 12.32 7.76
CA GLY C 62 -26.16 13.58 8.12
C GLY C 62 -24.66 13.50 8.02
N SER C 63 -24.00 14.44 8.68
CA SER C 63 -22.55 14.52 8.66
C SER C 63 -22.09 15.10 9.98
N ILE C 64 -21.09 14.47 10.60
CA ILE C 64 -20.35 15.16 11.64
C ILE C 64 -19.45 16.20 10.99
N MET C 65 -19.56 17.43 11.46
CA MET C 65 -18.81 18.56 10.93
C MET C 65 -17.79 19.03 11.96
N MET C 66 -16.77 19.75 11.48
CA MET C 66 -15.86 20.45 12.37
C MET C 66 -15.62 21.83 11.77
N GLY C 67 -16.21 22.86 12.37
CA GLY C 67 -16.31 24.13 11.69
C GLY C 67 -17.17 23.96 10.44
N LYS C 68 -16.71 24.57 9.34
CA LYS C 68 -17.36 24.46 8.06
C LYS C 68 -16.91 23.24 7.26
N ASN C 69 -16.08 22.37 7.85
CA ASN C 69 -15.54 21.20 7.16
C ASN C 69 -16.32 19.94 7.53
N ASN C 70 -16.66 19.16 6.51
CA ASN C 70 -17.35 17.88 6.70
C ASN C 70 -16.33 16.85 7.19
N PHE C 71 -16.60 16.24 8.35
CA PHE C 71 -15.69 15.23 8.91
C PHE C 71 -16.05 13.84 8.37
N ARG C 72 -17.21 13.31 8.74
CA ARG C 72 -17.62 12.00 8.24
C ARG C 72 -19.12 11.96 8.06
N PRO C 73 -19.61 11.17 7.10
CA PRO C 73 -21.07 10.94 7.00
C PRO C 73 -21.54 10.00 8.08
N VAL C 74 -22.76 10.24 8.57
CA VAL C 74 -23.36 9.44 9.63
C VAL C 74 -24.81 9.16 9.26
N TYR C 75 -25.44 8.30 10.06
CA TYR C 75 -26.79 7.83 9.77
C TYR C 75 -27.65 7.94 11.02
N GLN C 76 -28.97 7.90 10.81
CA GLN C 76 -29.94 8.37 11.80
C GLN C 76 -29.77 7.65 13.14
N ALA C 77 -29.47 6.35 13.12
CA ALA C 77 -29.35 5.58 14.35
C ALA C 77 -28.28 6.12 15.30
N LEU C 78 -27.29 6.86 14.79
CA LEU C 78 -26.21 7.36 15.63
C LEU C 78 -26.69 8.47 16.57
N TRP C 79 -27.71 9.24 16.17
CA TRP C 79 -28.17 10.39 16.94
C TRP C 79 -29.60 10.30 17.43
N ASP C 80 -30.39 9.35 16.94
CA ASP C 80 -31.82 9.37 17.22
C ASP C 80 -32.18 8.20 18.12
N PRO C 81 -32.51 8.46 19.40
CA PRO C 81 -32.78 7.34 20.32
C PRO C 81 -34.05 6.57 20.03
N ALA C 82 -35.08 7.21 19.48
CA ALA C 82 -36.31 6.50 19.16
C ALA C 82 -36.09 5.54 17.99
N PHE C 83 -35.42 6.02 16.94
CA PHE C 83 -35.09 5.17 15.80
C PHE C 83 -34.19 4.01 16.25
N ARG C 84 -33.31 4.25 17.22
CA ARG C 84 -32.39 3.21 17.68
C ARG C 84 -33.12 2.12 18.47
N ILE C 85 -34.11 2.51 19.28
CA ILE C 85 -34.89 1.54 20.05
C ILE C 85 -35.59 0.56 19.11
N GLU C 86 -36.08 1.04 17.96
CA GLU C 86 -36.74 0.15 17.03
C GLU C 86 -35.76 -0.87 16.44
N GLU C 87 -34.54 -0.42 16.15
CA GLU C 87 -33.53 -1.35 15.65
C GLU C 87 -33.10 -2.31 16.74
N MET C 88 -33.05 -1.83 18.00
CA MET C 88 -32.77 -2.73 19.12
C MET C 88 -33.84 -3.81 19.24
N ASP C 89 -35.11 -3.43 19.03
CA ASP C 89 -36.19 -4.40 19.12
C ASP C 89 -36.07 -5.45 18.03
N ALA C 90 -35.78 -5.03 16.80
CA ALA C 90 -35.64 -5.98 15.70
C ALA C 90 -34.48 -6.94 15.94
N GLN C 91 -33.43 -6.50 16.64
CA GLN C 91 -32.23 -7.29 16.84
C GLN C 91 -32.30 -8.20 18.07
N GLY C 92 -33.31 -8.05 18.93
CA GLY C 92 -33.34 -8.81 20.16
C GLY C 92 -32.48 -8.25 21.27
N VAL C 93 -32.06 -7.00 21.18
CA VAL C 93 -31.23 -6.38 22.20
C VAL C 93 -32.12 -5.74 23.25
N ASP C 94 -32.06 -6.24 24.47
CA ASP C 94 -32.87 -5.67 25.54
C ASP C 94 -32.24 -4.42 26.12
N VAL C 95 -30.93 -4.44 26.36
CA VAL C 95 -30.22 -3.31 26.96
C VAL C 95 -28.97 -3.03 26.13
N GLN C 96 -28.74 -1.75 25.82
CA GLN C 96 -27.57 -1.32 25.09
C GLN C 96 -26.83 -0.29 25.92
N VAL C 97 -25.52 -0.47 26.02
CA VAL C 97 -24.63 0.52 26.60
C VAL C 97 -23.99 1.28 25.45
N THR C 98 -24.07 2.60 25.48
CA THR C 98 -23.57 3.39 24.37
C THR C 98 -22.71 4.52 24.89
N CYS C 99 -21.82 5.03 24.04
CA CYS C 99 -20.87 6.04 24.49
C CYS C 99 -20.42 6.88 23.30
N ALA C 100 -19.64 7.90 23.60
CA ALA C 100 -19.24 8.90 22.63
C ALA C 100 -18.57 8.27 21.40
N THR C 101 -18.77 8.93 20.27
CA THR C 101 -17.95 8.70 19.09
C THR C 101 -16.63 9.41 19.29
N PRO C 102 -15.48 8.74 19.07
CA PRO C 102 -14.20 9.29 19.52
C PRO C 102 -13.88 10.69 18.99
N VAL C 103 -14.50 11.11 17.88
CA VAL C 103 -14.34 12.48 17.42
C VAL C 103 -14.80 13.49 18.47
N MET C 104 -15.63 13.04 19.43
CA MET C 104 -16.12 13.90 20.51
C MET C 104 -15.11 14.10 21.64
N PHE C 105 -14.04 13.29 21.69
CA PHE C 105 -13.19 13.25 22.89
C PHE C 105 -12.55 14.61 23.18
N GLY C 106 -12.02 15.27 22.15
CA GLY C 106 -11.33 16.54 22.36
C GLY C 106 -10.11 16.48 23.26
N TYR C 107 -9.32 15.41 23.15
CA TYR C 107 -8.15 15.26 23.99
C TYR C 107 -7.04 16.25 23.66
N THR C 108 -7.07 16.83 22.47
CA THR C 108 -6.07 17.80 22.03
C THR C 108 -6.40 19.22 22.47
N TRP C 109 -7.56 19.43 23.06
CA TRP C 109 -8.04 20.76 23.40
C TRP C 109 -7.39 21.28 24.67
N GLU C 110 -7.46 22.60 24.85
CA GLU C 110 -7.18 23.21 26.14
C GLU C 110 -7.99 22.50 27.21
N ALA C 111 -7.36 22.24 28.35
CA ALA C 111 -7.93 21.33 29.33
C ALA C 111 -9.29 21.80 29.83
N ASN C 112 -9.43 23.10 30.12
CA ASN C 112 -10.67 23.55 30.76
C ASN C 112 -11.84 23.49 29.78
N LYS C 113 -11.64 23.94 28.55
CA LYS C 113 -12.68 23.83 27.54
C LYS C 113 -13.08 22.37 27.32
N ALA C 114 -12.09 21.47 27.28
CA ALA C 114 -12.40 20.05 27.13
C ALA C 114 -13.18 19.52 28.32
N ALA C 115 -12.90 20.03 29.52
CA ALA C 115 -13.67 19.61 30.69
C ALA C 115 -15.12 20.07 30.58
N GLN C 116 -15.35 21.30 30.14
CA GLN C 116 -16.72 21.77 29.97
C GLN C 116 -17.41 21.03 28.84
N TRP C 117 -16.69 20.80 27.74
CA TRP C 117 -17.25 20.04 26.63
C TRP C 117 -17.63 18.63 27.07
N ALA C 118 -16.71 17.94 27.77
CA ALA C 118 -17.01 16.64 28.35
C ALA C 118 -18.29 16.66 29.16
N GLU C 119 -18.43 17.65 30.05
CA GLU C 119 -19.64 17.73 30.87
C GLU C 119 -20.88 17.91 29.98
N ARG C 120 -20.79 18.80 28.98
CA ARG C 120 -21.91 18.99 28.06
C ARG C 120 -22.22 17.70 27.31
N MET C 121 -21.19 17.06 26.73
CA MET C 121 -21.42 15.80 26.02
C MET C 121 -22.03 14.75 26.94
N ASN C 122 -21.55 14.66 28.19
CA ASN C 122 -22.07 13.66 29.11
C ASN C 122 -23.51 13.98 29.54
N ASP C 123 -23.85 15.26 29.63
CA ASP C 123 -25.25 15.62 29.82
C ASP C 123 -26.07 15.26 28.59
N PHE C 124 -25.57 15.63 27.39
CA PHE C 124 -26.27 15.24 26.17
C PHE C 124 -26.40 13.73 26.07
N ALA C 125 -25.43 12.98 26.62
CA ALA C 125 -25.54 11.53 26.66
C ALA C 125 -26.66 11.08 27.57
N LEU C 126 -26.76 11.68 28.76
CA LEU C 126 -27.86 11.36 29.66
C LEU C 126 -29.21 11.79 29.07
N GLU C 127 -29.22 12.88 28.30
CA GLU C 127 -30.45 13.28 27.62
C GLU C 127 -30.84 12.29 26.52
N PHE C 128 -29.85 11.78 25.79
CA PHE C 128 -30.09 10.73 24.80
C PHE C 128 -30.72 9.50 25.46
N ALA C 129 -30.14 9.03 26.56
CA ALA C 129 -30.66 7.87 27.27
C ALA C 129 -31.96 8.16 27.99
N ALA C 130 -32.24 9.43 28.30
CA ALA C 130 -33.47 9.79 28.99
C ALA C 130 -34.71 9.34 28.24
N HIS C 131 -34.60 9.24 26.90
CA HIS C 131 -35.69 8.68 26.08
C HIS C 131 -36.24 7.38 26.67
N ASN C 132 -35.35 6.46 27.04
CA ASN C 132 -35.72 5.20 27.69
C ASN C 132 -34.52 4.71 28.49
N PRO C 133 -34.37 5.15 29.74
CA PRO C 133 -33.16 4.80 30.51
C PRO C 133 -33.07 3.32 30.90
N GLN C 134 -34.17 2.56 30.85
CA GLN C 134 -34.10 1.13 31.18
C GLN C 134 -33.43 0.31 30.09
N ARG C 135 -33.45 0.80 28.85
CA ARG C 135 -32.87 0.05 27.73
C ARG C 135 -31.65 0.72 27.14
N ILE C 136 -31.40 1.99 27.45
CA ILE C 136 -30.23 2.69 26.96
C ILE C 136 -29.42 3.12 28.17
N LYS C 137 -28.18 2.63 28.26
CA LYS C 137 -27.24 3.06 29.28
C LYS C 137 -26.08 3.77 28.58
N VAL C 138 -25.46 4.71 29.28
CA VAL C 138 -24.40 5.51 28.69
C VAL C 138 -23.15 5.43 29.56
N LEU C 139 -22.00 5.57 28.90
CA LEU C 139 -20.71 5.77 29.54
C LEU C 139 -20.23 7.16 29.19
N ALA C 140 -19.44 7.74 30.10
CA ALA C 140 -19.00 9.12 29.95
C ALA C 140 -17.65 9.20 29.26
N GLN C 141 -17.39 10.37 28.68
CA GLN C 141 -16.07 10.78 28.26
C GLN C 141 -15.47 11.69 29.33
N VAL C 142 -14.16 11.81 29.32
CA VAL C 142 -13.47 12.63 30.33
C VAL C 142 -12.38 13.43 29.68
N PRO C 143 -12.05 14.58 30.26
CA PRO C 143 -10.88 15.33 29.78
C PRO C 143 -9.60 14.65 30.23
N LEU C 144 -9.21 13.59 29.51
CA LEU C 144 -8.11 12.73 29.95
C LEU C 144 -6.78 13.45 29.98
N GLN C 145 -6.65 14.57 29.26
CA GLN C 145 -5.40 15.31 29.23
C GLN C 145 -5.08 16.02 30.55
N ASP C 146 -6.01 16.03 31.51
CA ASP C 146 -5.80 16.62 32.83
C ASP C 146 -6.34 15.65 33.87
N LEU C 147 -5.46 15.10 34.71
CA LEU C 147 -5.85 14.00 35.58
C LEU C 147 -6.98 14.39 36.53
N ASP C 148 -6.86 15.53 37.22
CA ASP C 148 -7.86 15.89 38.21
C ASP C 148 -9.21 16.19 37.57
N LEU C 149 -9.21 16.97 36.48
CA LEU C 149 -10.45 17.23 35.76
C LEU C 149 -11.09 15.92 35.29
N ALA C 150 -10.28 15.00 34.76
CA ALA C 150 -10.78 13.72 34.31
C ALA C 150 -11.42 12.95 35.45
N CYS C 151 -10.72 12.88 36.59
CA CYS C 151 -11.24 12.14 37.73
C CYS C 151 -12.53 12.77 38.24
N LYS C 152 -12.55 14.10 38.35
CA LYS C 152 -13.75 14.78 38.80
C LYS C 152 -14.93 14.48 37.87
N GLU C 153 -14.73 14.67 36.56
CA GLU C 153 -15.82 14.43 35.61
C GLU C 153 -16.29 12.99 35.65
N ALA C 154 -15.35 12.03 35.82
CA ALA C 154 -15.73 10.63 35.89
C ALA C 154 -16.64 10.35 37.09
N SER C 155 -16.32 10.94 38.24
CA SER C 155 -17.18 10.73 39.40
C SER C 155 -18.47 11.55 39.28
N ARG C 156 -18.38 12.75 38.70
CA ARG C 156 -19.58 13.56 38.49
C ARG C 156 -20.55 12.85 37.55
N ALA C 157 -20.04 12.33 36.42
CA ALA C 157 -20.90 11.70 35.42
C ALA C 157 -21.49 10.39 35.92
N VAL C 158 -20.74 9.63 36.73
CA VAL C 158 -21.24 8.34 37.20
C VAL C 158 -22.30 8.54 38.27
N ALA C 159 -22.18 9.60 39.06
CA ALA C 159 -23.23 9.92 40.01
C ALA C 159 -24.45 10.48 39.31
N ALA C 160 -24.25 11.16 38.18
CA ALA C 160 -25.34 11.71 37.39
C ALA C 160 -26.08 10.65 36.58
N GLY C 161 -25.58 9.42 36.53
CA GLY C 161 -26.30 8.36 35.86
C GLY C 161 -25.49 7.41 35.00
N HIS C 162 -24.36 7.87 34.48
CA HIS C 162 -23.53 7.02 33.63
C HIS C 162 -23.09 5.77 34.39
N LEU C 163 -22.90 4.67 33.65
CA LEU C 163 -22.52 3.39 34.26
C LEU C 163 -21.02 3.14 34.21
N GLY C 164 -20.24 4.08 33.68
CA GLY C 164 -18.81 3.86 33.53
C GLY C 164 -18.25 4.93 32.62
N ILE C 165 -17.01 4.71 32.19
CA ILE C 165 -16.30 5.64 31.33
C ILE C 165 -15.86 4.91 30.07
N GLN C 166 -15.89 5.60 28.93
CA GLN C 166 -15.16 5.16 27.74
C GLN C 166 -14.03 6.13 27.50
N ILE C 167 -12.80 5.62 27.42
CA ILE C 167 -11.66 6.45 27.10
C ILE C 167 -11.07 5.98 25.78
N GLY C 168 -10.36 6.89 25.14
CA GLY C 168 -9.48 6.49 24.05
C GLY C 168 -8.31 5.71 24.60
N ASN C 169 -7.72 4.88 23.75
CA ASN C 169 -6.68 3.96 24.21
C ASN C 169 -5.35 4.66 24.42
N HIS C 170 -5.17 5.87 23.91
CA HIS C 170 -3.93 6.61 24.06
C HIS C 170 -4.21 8.11 23.92
N LEU C 171 -3.21 8.90 24.30
CA LEU C 171 -3.26 10.36 24.24
C LEU C 171 -2.01 10.81 23.52
N GLY C 172 -2.08 10.91 22.20
CA GLY C 172 -0.89 11.24 21.45
C GLY C 172 0.12 10.13 21.66
N ASP C 173 1.33 10.50 22.06
CA ASP C 173 2.40 9.53 22.29
C ASP C 173 2.35 8.95 23.70
N LYS C 174 1.30 9.23 24.45
CA LYS C 174 1.10 8.70 25.79
C LYS C 174 0.19 7.48 25.69
N ASP C 175 0.75 6.30 25.97
CA ASP C 175 -0.04 5.08 26.01
C ASP C 175 -0.40 4.78 27.46
N LEU C 176 -1.14 3.67 27.67
CA LEU C 176 -1.75 3.44 28.98
C LEU C 176 -0.72 3.23 30.09
N ASP C 177 0.54 2.96 29.74
CA ASP C 177 1.59 2.89 30.76
C ASP C 177 1.93 4.25 31.36
N ASP C 178 1.55 5.34 30.70
CA ASP C 178 1.84 6.67 31.22
C ASP C 178 1.24 6.86 32.62
N ALA C 179 2.03 7.45 33.51
CA ALA C 179 1.63 7.56 34.92
C ALA C 179 0.32 8.30 35.09
N THR C 180 0.04 9.28 34.24
CA THR C 180 -1.20 10.05 34.35
C THR C 180 -2.41 9.21 34.00
N LEU C 181 -2.27 8.37 32.98
CA LEU C 181 -3.39 7.50 32.59
C LEU C 181 -3.54 6.34 33.56
N GLU C 182 -2.43 5.82 34.08
CA GLU C 182 -2.53 4.82 35.13
C GLU C 182 -3.26 5.38 36.35
N ALA C 183 -2.95 6.62 36.72
CA ALA C 183 -3.61 7.26 37.85
C ALA C 183 -5.11 7.40 37.61
N PHE C 184 -5.51 7.74 36.39
CA PHE C 184 -6.95 7.78 36.09
C PHE C 184 -7.57 6.42 36.29
N LEU C 185 -6.91 5.36 35.80
CA LEU C 185 -7.43 4.01 35.94
C LEU C 185 -7.58 3.63 37.40
N THR C 186 -6.61 4.00 38.23
CA THR C 186 -6.67 3.62 39.64
C THR C 186 -7.82 4.35 40.35
N HIS C 187 -8.02 5.61 40.03
CA HIS C 187 -9.19 6.34 40.52
C HIS C 187 -10.47 5.56 40.28
N CYS C 188 -10.71 5.20 39.01
CA CYS C 188 -11.93 4.48 38.64
C CYS C 188 -12.01 3.14 39.37
N ALA C 189 -10.86 2.47 39.51
CA ALA C 189 -10.78 1.24 40.29
C ALA C 189 -11.24 1.48 41.73
N ASN C 190 -10.74 2.55 42.35
CA ASN C 190 -11.04 2.80 43.76
C ASN C 190 -12.52 3.11 43.98
N GLU C 191 -13.18 3.73 43.00
CA GLU C 191 -14.58 4.09 43.12
C GLU C 191 -15.51 3.16 42.36
N ASP C 192 -15.05 1.97 42.03
CA ASP C 192 -15.85 0.96 41.32
C ASP C 192 -16.51 1.54 40.07
N ILE C 193 -15.74 2.29 39.30
CA ILE C 193 -16.18 2.92 38.05
C ILE C 193 -15.64 2.08 36.89
N PRO C 194 -16.48 1.33 36.18
CA PRO C 194 -15.96 0.52 35.06
C PRO C 194 -15.45 1.39 33.92
N ILE C 195 -14.53 0.82 33.14
CA ILE C 195 -13.87 1.54 32.05
C ILE C 195 -13.92 0.68 30.79
N LEU C 196 -14.30 1.30 29.68
CA LEU C 196 -14.18 0.71 28.35
C LEU C 196 -13.10 1.47 27.59
N VAL C 197 -12.10 0.75 27.10
CA VAL C 197 -11.00 1.34 26.36
C VAL C 197 -11.26 1.15 24.88
N HIS C 198 -11.22 2.25 24.13
CA HIS C 198 -11.53 2.22 22.72
C HIS C 198 -10.35 2.72 21.89
N PRO C 199 -9.99 2.03 20.82
CA PRO C 199 -8.95 2.56 19.92
C PRO C 199 -9.41 3.85 19.25
N TRP C 200 -8.48 4.77 19.07
CA TRP C 200 -8.80 6.05 18.42
C TRP C 200 -7.49 6.73 18.00
N ASP C 201 -7.62 7.73 17.12
CA ASP C 201 -6.49 8.55 16.69
C ASP C 201 -5.29 7.67 16.31
N MET C 202 -5.52 6.82 15.33
CA MET C 202 -4.71 5.62 15.16
C MET C 202 -3.37 5.89 14.47
N MET C 203 -2.40 5.04 14.81
CA MET C 203 -1.09 5.08 14.18
C MET C 203 -1.21 4.75 12.69
N GLY C 204 -0.16 5.08 11.96
CA GLY C 204 -0.08 4.69 10.56
C GLY C 204 0.41 5.82 9.70
N GLY C 205 0.24 7.05 10.18
CA GLY C 205 0.70 8.19 9.41
C GLY C 205 0.00 8.27 8.08
N GLN C 206 0.78 8.41 7.02
CA GLN C 206 0.24 8.58 5.68
C GLN C 206 0.03 7.26 4.95
N ARG C 207 0.06 6.13 5.66
CA ARG C 207 -0.28 4.85 5.07
C ARG C 207 -1.73 4.53 5.40
N MET C 208 -2.24 3.43 4.84
CA MET C 208 -3.61 2.99 5.10
C MET C 208 -4.65 4.02 4.68
N LYS C 209 -4.45 4.61 3.49
CA LYS C 209 -5.39 5.61 3.00
C LYS C 209 -6.62 5.01 2.32
N LYS C 210 -6.64 3.71 2.05
CA LYS C 210 -7.71 3.11 1.27
C LYS C 210 -8.32 1.91 1.98
N TRP C 211 -9.54 1.55 1.55
CA TRP C 211 -10.23 0.31 1.94
C TRP C 211 -10.44 0.21 3.45
N MET C 212 -10.58 1.36 4.13
CA MET C 212 -10.76 1.41 5.58
C MET C 212 -9.68 0.63 6.32
N LEU C 213 -8.46 0.60 5.78
CA LEU C 213 -7.35 -0.06 6.44
C LEU C 213 -7.13 0.39 7.89
N PRO C 214 -7.33 1.67 8.25
CA PRO C 214 -7.22 2.02 9.68
C PRO C 214 -8.15 1.22 10.57
N TRP C 215 -9.35 0.85 10.10
CA TRP C 215 -10.25 0.06 10.93
C TRP C 215 -9.81 -1.40 11.00
N LEU C 216 -9.13 -1.89 9.96
CA LEU C 216 -8.76 -3.29 9.82
C LEU C 216 -7.39 -3.62 10.38
N VAL C 217 -6.45 -2.68 10.30
CA VAL C 217 -5.06 -2.87 10.74
C VAL C 217 -4.78 -2.05 12.00
N ALA C 218 -5.01 -0.73 11.93
CA ALA C 218 -4.57 0.15 13.00
C ALA C 218 -5.41 -0.04 14.26
N MET C 219 -6.72 -0.22 14.10
CA MET C 219 -7.60 -0.39 15.27
C MET C 219 -7.22 -1.59 16.12
N PRO C 220 -7.10 -2.82 15.58
CA PRO C 220 -6.71 -3.96 16.44
C PRO C 220 -5.35 -3.80 17.04
N ALA C 221 -4.41 -3.15 16.33
CA ALA C 221 -3.06 -2.98 16.84
C ALA C 221 -3.01 -1.93 17.94
N GLU C 222 -3.81 -0.86 17.80
CA GLU C 222 -3.92 0.13 18.88
C GLU C 222 -4.45 -0.51 20.17
N THR C 223 -5.46 -1.37 20.05
CA THR C 223 -6.04 -2.01 21.23
C THR C 223 -5.07 -3.00 21.84
N GLN C 224 -4.37 -3.78 21.01
CA GLN C 224 -3.34 -4.66 21.55
C GLN C 224 -2.28 -3.85 22.27
N LEU C 225 -1.88 -2.70 21.70
CA LEU C 225 -0.83 -1.89 22.32
C LEU C 225 -1.26 -1.38 23.69
N ALA C 226 -2.56 -1.05 23.84
CA ALA C 226 -3.06 -0.58 25.13
C ALA C 226 -2.98 -1.68 26.19
N ILE C 227 -3.42 -2.89 25.85
CA ILE C 227 -3.32 -4.03 26.76
C ILE C 227 -1.86 -4.30 27.12
N LEU C 228 -0.97 -4.37 26.12
CA LEU C 228 0.43 -4.67 26.40
C LEU C 228 1.12 -3.54 27.15
N SER C 229 0.72 -2.29 26.92
CA SER C 229 1.29 -1.18 27.69
C SER C 229 0.99 -1.31 29.18
N LEU C 230 -0.21 -1.80 29.51
CA LEU C 230 -0.54 -2.06 30.93
C LEU C 230 0.26 -3.26 31.45
N ILE C 231 0.25 -4.37 30.71
CA ILE C 231 0.92 -5.59 31.18
C ILE C 231 2.43 -5.36 31.31
N LEU C 232 3.07 -4.94 30.21
CA LEU C 232 4.53 -4.91 30.19
C LEU C 232 5.11 -3.78 31.03
N SER C 233 4.36 -2.71 31.30
CA SER C 233 4.84 -1.70 32.24
C SER C 233 4.67 -2.12 33.70
N GLY C 234 4.04 -3.26 33.97
CA GLY C 234 3.71 -3.64 35.33
C GLY C 234 2.57 -2.85 35.95
N ALA C 235 1.70 -2.24 35.14
CA ALA C 235 0.65 -1.41 35.72
C ALA C 235 -0.33 -2.23 36.55
N PHE C 236 -0.59 -3.48 36.15
CA PHE C 236 -1.49 -4.32 36.91
C PHE C 236 -0.91 -4.68 38.27
N GLU C 237 0.41 -4.60 38.44
CA GLU C 237 0.98 -4.78 39.77
C GLU C 237 0.66 -3.61 40.68
N ARG C 238 0.28 -2.46 40.12
CA ARG C 238 0.03 -1.25 40.90
C ARG C 238 -1.44 -0.86 40.92
N ILE C 239 -2.19 -1.14 39.86
CA ILE C 239 -3.62 -0.85 39.85
C ILE C 239 -4.35 -1.88 40.70
N PRO C 240 -5.25 -1.46 41.61
CA PRO C 240 -5.98 -2.42 42.43
C PRO C 240 -6.73 -3.43 41.57
N LYS C 241 -6.84 -4.65 42.10
CA LYS C 241 -7.56 -5.70 41.38
C LYS C 241 -9.04 -5.36 41.20
N SER C 242 -9.53 -4.34 41.89
CA SER C 242 -10.94 -3.98 41.77
C SER C 242 -11.26 -3.35 40.43
N LEU C 243 -10.26 -2.88 39.69
CA LEU C 243 -10.49 -2.28 38.38
C LEU C 243 -11.24 -3.26 37.48
N LYS C 244 -12.35 -2.79 36.91
CA LYS C 244 -13.10 -3.49 35.88
C LYS C 244 -12.84 -2.74 34.58
N ILE C 245 -12.07 -3.34 33.68
CA ILE C 245 -11.65 -2.67 32.46
C ILE C 245 -11.84 -3.63 31.28
N CYS C 246 -12.42 -3.11 30.20
CA CYS C 246 -12.78 -3.92 29.04
C CYS C 246 -12.19 -3.27 27.80
N PHE C 247 -11.70 -4.10 26.88
CA PHE C 247 -11.08 -3.62 25.66
C PHE C 247 -11.96 -3.96 24.46
N GLY C 248 -12.11 -2.99 23.56
CA GLY C 248 -13.01 -3.15 22.44
C GLY C 248 -12.47 -4.08 21.36
N HIS C 249 -13.39 -4.56 20.54
CA HIS C 249 -13.12 -5.42 19.40
C HIS C 249 -12.28 -6.64 19.79
N GLY C 250 -12.72 -7.35 20.83
CA GLY C 250 -12.03 -8.56 21.24
C GLY C 250 -10.65 -8.34 21.80
N GLY C 251 -10.30 -7.11 22.16
CA GLY C 251 -8.93 -6.79 22.49
C GLY C 251 -8.03 -6.71 21.29
N GLY C 252 -8.60 -6.48 20.11
CA GLY C 252 -7.78 -6.42 18.90
C GLY C 252 -7.12 -7.75 18.60
N SER C 253 -5.83 -7.69 18.30
CA SER C 253 -5.05 -8.87 18.00
C SER C 253 -4.35 -9.45 19.23
N PHE C 254 -4.67 -8.94 20.42
CA PHE C 254 -3.95 -9.33 21.64
C PHE C 254 -3.94 -10.85 21.84
N ALA C 255 -5.12 -11.47 21.80
CA ALA C 255 -5.18 -12.89 22.15
C ALA C 255 -4.38 -13.76 21.18
N PHE C 256 -4.39 -13.40 19.89
CA PHE C 256 -3.69 -14.22 18.90
C PHE C 256 -2.18 -14.07 19.01
N LEU C 257 -1.71 -12.88 19.34
CA LEU C 257 -0.27 -12.61 19.38
C LEU C 257 0.33 -12.80 20.76
N LEU C 258 -0.44 -13.35 21.70
CA LEU C 258 0.02 -13.48 23.08
C LEU C 258 1.22 -14.42 23.19
N GLY C 259 1.21 -15.53 22.44
CA GLY C 259 2.34 -16.44 22.48
C GLY C 259 3.65 -15.79 22.08
N ARG C 260 3.61 -14.91 21.07
CA ARG C 260 4.78 -14.15 20.68
C ARG C 260 5.27 -13.24 21.81
N VAL C 261 4.34 -12.60 22.52
CA VAL C 261 4.72 -11.77 23.66
C VAL C 261 5.40 -12.60 24.75
N ASP C 262 4.76 -13.71 25.14
CA ASP C 262 5.35 -14.60 26.15
C ASP C 262 6.75 -15.03 25.75
N ASN C 263 6.93 -15.43 24.49
CA ASN C 263 8.25 -15.87 24.04
C ASN C 263 9.27 -14.73 24.12
N ALA C 264 8.85 -13.50 23.78
CA ALA C 264 9.76 -12.36 23.87
C ALA C 264 10.14 -12.09 25.31
N TRP C 265 9.16 -12.21 26.21
CA TRP C 265 9.40 -12.01 27.62
C TRP C 265 10.41 -13.03 28.17
N ARG C 266 10.31 -14.29 27.75
CA ARG C 266 11.26 -15.29 28.23
C ARG C 266 12.69 -15.07 27.73
N HIS C 267 12.89 -14.30 26.66
CA HIS C 267 14.19 -14.27 26.01
C HIS C 267 14.83 -12.89 25.92
N ARG C 268 14.18 -11.82 26.37
CA ARG C 268 14.82 -10.51 26.42
C ARG C 268 14.53 -9.86 27.75
N ASP C 269 15.58 -9.57 28.52
CA ASP C 269 15.36 -9.00 29.86
C ASP C 269 14.68 -7.64 29.79
N ILE C 270 14.88 -6.88 28.71
CA ILE C 270 14.19 -5.59 28.63
C ILE C 270 12.69 -5.77 28.47
N VAL C 271 12.22 -6.94 28.04
CA VAL C 271 10.78 -7.17 28.01
C VAL C 271 10.23 -7.52 29.40
N ARG C 272 11.07 -8.06 30.29
CA ARG C 272 10.69 -8.49 31.64
C ARG C 272 10.88 -7.42 32.70
N GLU C 273 11.65 -6.38 32.37
CA GLU C 273 12.15 -5.41 33.34
C GLU C 273 11.09 -4.97 34.34
N ASP C 274 9.88 -4.69 33.86
CA ASP C 274 8.82 -4.11 34.69
C ASP C 274 7.62 -5.04 34.82
N CYS C 275 7.71 -6.26 34.30
CA CYS C 275 6.59 -7.19 34.27
C CYS C 275 7.07 -8.51 34.88
N PRO C 276 6.76 -8.77 36.16
CA PRO C 276 7.42 -9.88 36.88
C PRO C 276 6.82 -11.26 36.65
N ARG C 277 5.64 -11.36 36.04
CA ARG C 277 5.02 -12.63 35.70
C ARG C 277 4.94 -12.74 34.18
N PRO C 278 4.78 -13.95 33.65
CA PRO C 278 4.52 -14.07 32.22
C PRO C 278 3.32 -13.24 31.81
N PRO C 279 3.45 -12.44 30.75
CA PRO C 279 2.37 -11.53 30.34
C PRO C 279 1.01 -12.19 30.19
N SER C 280 0.94 -13.44 29.74
CA SER C 280 -0.34 -14.10 29.56
C SER C 280 -1.09 -14.32 30.87
N GLU C 281 -0.39 -14.27 32.01
CA GLU C 281 -1.08 -14.52 33.28
C GLU C 281 -1.90 -13.33 33.74
N TYR C 282 -1.82 -12.18 33.07
CA TYR C 282 -2.59 -11.02 33.45
C TYR C 282 -3.97 -10.97 32.78
N VAL C 283 -4.36 -12.03 32.07
CA VAL C 283 -5.68 -12.01 31.44
C VAL C 283 -6.79 -12.01 32.49
N ASP C 284 -6.49 -12.39 33.73
CA ASP C 284 -7.49 -12.28 34.78
C ASP C 284 -7.63 -10.87 35.33
N ARG C 285 -7.10 -9.86 34.64
CA ARG C 285 -7.22 -8.50 35.13
C ARG C 285 -8.04 -7.60 34.21
N PHE C 286 -8.60 -8.14 33.12
CA PHE C 286 -9.36 -7.30 32.22
C PHE C 286 -10.35 -8.15 31.44
N PHE C 287 -11.19 -7.46 30.67
CA PHE C 287 -12.25 -8.04 29.86
C PHE C 287 -12.06 -7.62 28.41
N VAL C 288 -12.75 -8.31 27.51
CA VAL C 288 -12.84 -7.92 26.11
C VAL C 288 -14.29 -8.08 25.66
N ASP C 289 -14.67 -7.32 24.64
CA ASP C 289 -15.94 -7.67 24.01
C ASP C 289 -15.73 -8.82 23.03
N SER C 290 -16.82 -9.32 22.46
CA SER C 290 -16.77 -10.52 21.63
C SER C 290 -16.72 -10.23 20.13
N ALA C 291 -16.51 -8.98 19.72
CA ALA C 291 -16.63 -8.59 18.32
C ALA C 291 -15.37 -8.97 17.55
N VAL C 292 -15.29 -10.24 17.16
CA VAL C 292 -14.17 -10.73 16.35
C VAL C 292 -14.61 -11.34 15.03
N PHE C 293 -15.91 -11.49 14.77
CA PHE C 293 -16.46 -11.75 13.43
C PHE C 293 -15.97 -13.07 12.83
N ASN C 294 -15.71 -14.08 13.65
CA ASN C 294 -15.26 -15.38 13.14
C ASN C 294 -15.40 -16.42 14.25
N PRO C 295 -15.99 -17.58 13.98
CA PRO C 295 -16.14 -18.60 15.03
C PRO C 295 -14.81 -19.05 15.61
N GLY C 296 -13.80 -19.28 14.76
CA GLY C 296 -12.51 -19.71 15.26
C GLY C 296 -11.83 -18.66 16.13
N ALA C 297 -11.91 -17.40 15.71
CA ALA C 297 -11.35 -16.32 16.53
C ALA C 297 -12.04 -16.25 17.88
N LEU C 298 -13.36 -16.41 17.91
CA LEU C 298 -14.09 -16.37 19.17
C LEU C 298 -13.68 -17.51 20.09
N GLU C 299 -13.55 -18.73 19.56
CA GLU C 299 -13.11 -19.84 20.39
C GLU C 299 -11.71 -19.59 20.96
N LEU C 300 -10.78 -19.11 20.14
CA LEU C 300 -9.45 -18.77 20.65
C LEU C 300 -9.55 -17.69 21.73
N LEU C 301 -10.35 -16.65 21.47
CA LEU C 301 -10.51 -15.56 22.42
C LEU C 301 -11.03 -16.07 23.76
N VAL C 302 -12.04 -16.94 23.73
CA VAL C 302 -12.60 -17.47 24.98
C VAL C 302 -11.60 -18.43 25.64
N SER C 303 -10.84 -19.18 24.84
CA SER C 303 -9.78 -20.01 25.39
C SER C 303 -8.75 -19.18 26.14
N VAL C 304 -8.43 -17.98 25.63
CA VAL C 304 -7.40 -17.16 26.25
C VAL C 304 -7.93 -16.39 27.46
N MET C 305 -9.10 -15.77 27.33
CA MET C 305 -9.64 -14.89 28.36
C MET C 305 -10.49 -15.59 29.40
N GLY C 306 -11.15 -16.68 29.04
CA GLY C 306 -12.12 -17.30 29.91
C GLY C 306 -13.53 -16.85 29.59
N GLU C 307 -14.49 -17.76 29.79
CA GLU C 307 -15.88 -17.47 29.45
C GLU C 307 -16.46 -16.36 30.32
N ASP C 308 -15.82 -16.05 31.44
CA ASP C 308 -16.29 -15.00 32.34
C ASP C 308 -15.77 -13.62 31.97
N ARG C 309 -14.92 -13.51 30.94
CA ARG C 309 -14.28 -12.24 30.65
C ARG C 309 -14.48 -11.75 29.22
N VAL C 310 -15.44 -12.32 28.49
CA VAL C 310 -15.81 -11.89 27.14
C VAL C 310 -17.27 -11.43 27.17
N MET C 311 -17.53 -10.20 26.70
CA MET C 311 -18.87 -9.61 26.73
C MET C 311 -19.38 -9.31 25.33
N LEU C 312 -20.66 -9.58 25.08
CA LEU C 312 -21.24 -9.30 23.78
C LEU C 312 -21.23 -7.80 23.49
N GLY C 313 -20.66 -7.44 22.35
CA GLY C 313 -20.67 -6.06 21.88
C GLY C 313 -20.67 -6.06 20.37
N SER C 314 -21.33 -5.03 19.79
CA SER C 314 -21.61 -5.05 18.35
C SER C 314 -20.96 -3.93 17.55
N ASP C 315 -20.58 -2.81 18.17
CA ASP C 315 -20.12 -1.61 17.49
C ASP C 315 -21.24 -0.93 16.70
N TYR C 316 -22.47 -1.17 17.14
CA TYR C 316 -23.63 -0.48 16.60
C TYR C 316 -23.40 1.03 16.64
N PRO C 317 -23.82 1.79 15.61
CA PRO C 317 -24.46 1.33 14.38
C PRO C 317 -23.50 1.42 13.18
N PHE C 318 -22.20 1.20 13.43
CA PHE C 318 -21.28 1.32 12.31
C PHE C 318 -21.32 0.06 11.46
N PRO C 319 -21.20 0.20 10.13
CA PRO C 319 -21.29 -0.97 9.24
C PRO C 319 -20.16 -1.98 9.42
N LEU C 320 -19.03 -1.57 9.98
CA LEU C 320 -18.00 -2.55 10.30
C LEU C 320 -18.26 -3.23 11.64
N GLY C 321 -19.45 -3.01 12.22
CA GLY C 321 -19.90 -3.75 13.38
C GLY C 321 -20.65 -5.00 12.99
N GLU C 322 -21.24 -5.66 13.98
CA GLU C 322 -21.98 -6.90 13.75
C GLU C 322 -23.43 -6.56 13.42
N GLN C 323 -23.86 -6.92 12.20
CA GLN C 323 -25.20 -6.58 11.75
C GLN C 323 -26.26 -7.32 12.55
N LYS C 324 -26.13 -8.64 12.64
CA LYS C 324 -27.03 -9.48 13.44
C LYS C 324 -26.39 -9.65 14.81
N ILE C 325 -26.74 -8.72 15.72
CA ILE C 325 -26.11 -8.62 17.04
C ILE C 325 -26.27 -9.93 17.80
N GLY C 326 -25.16 -10.46 18.29
CA GLY C 326 -25.16 -11.73 19.00
C GLY C 326 -25.16 -12.95 18.14
N GLY C 327 -25.25 -12.80 16.81
CA GLY C 327 -25.35 -13.97 15.94
C GLY C 327 -24.13 -14.88 16.02
N LEU C 328 -22.93 -14.29 16.11
CA LEU C 328 -21.72 -15.10 16.16
C LEU C 328 -21.66 -15.92 17.44
N VAL C 329 -21.99 -15.32 18.59
CA VAL C 329 -21.90 -16.04 19.85
C VAL C 329 -22.99 -17.10 19.95
N LEU C 330 -24.19 -16.79 19.47
CA LEU C 330 -25.30 -17.74 19.62
C LEU C 330 -25.17 -18.93 18.68
N SER C 331 -24.60 -18.72 17.49
CA SER C 331 -24.34 -19.85 16.60
C SER C 331 -23.07 -20.60 16.95
N SER C 332 -22.33 -20.16 17.98
CA SER C 332 -21.08 -20.82 18.32
C SER C 332 -21.33 -22.21 18.89
N ASN C 333 -20.24 -22.97 19.01
CA ASN C 333 -20.26 -24.29 19.63
C ASN C 333 -19.83 -24.23 21.09
N LEU C 334 -19.93 -23.07 21.72
CA LEU C 334 -19.63 -22.98 23.14
C LEU C 334 -20.81 -23.52 23.94
N GLY C 335 -20.56 -23.80 25.21
CA GLY C 335 -21.62 -24.26 26.08
C GLY C 335 -22.70 -23.20 26.24
N GLU C 336 -23.94 -23.67 26.46
CA GLU C 336 -25.04 -22.74 26.68
C GLU C 336 -24.79 -21.87 27.91
N SER C 337 -24.14 -22.42 28.93
CA SER C 337 -23.72 -21.62 30.07
C SER C 337 -22.77 -20.51 29.65
N ALA C 338 -21.80 -20.82 28.78
CA ALA C 338 -20.86 -19.82 28.30
C ALA C 338 -21.58 -18.75 27.48
N LYS C 339 -22.47 -19.19 26.58
CA LYS C 339 -23.24 -18.24 25.77
C LYS C 339 -24.03 -17.28 26.64
N ASP C 340 -24.66 -17.78 27.71
CA ASP C 340 -25.43 -16.90 28.59
C ASP C 340 -24.54 -15.87 29.27
N LYS C 341 -23.33 -16.27 29.68
CA LYS C 341 -22.39 -15.30 30.25
C LYS C 341 -22.02 -14.24 29.22
N ILE C 342 -21.65 -14.66 28.00
CA ILE C 342 -21.19 -13.72 26.98
C ILE C 342 -22.30 -12.73 26.63
N ILE C 343 -23.48 -13.25 26.29
CA ILE C 343 -24.55 -12.39 25.80
C ILE C 343 -25.30 -11.65 26.89
N SER C 344 -25.10 -12.01 28.16
CA SER C 344 -25.87 -11.36 29.21
C SER C 344 -25.14 -11.25 30.56
N GLY C 345 -24.67 -12.38 31.07
CA GLY C 345 -24.26 -12.44 32.47
C GLY C 345 -23.06 -11.58 32.80
N ASN C 346 -22.03 -11.59 31.95
CA ASN C 346 -20.81 -10.87 32.27
C ASN C 346 -21.04 -9.37 32.30
N ALA C 347 -21.74 -8.83 31.29
CA ALA C 347 -22.02 -7.41 31.28
C ALA C 347 -22.94 -7.02 32.44
N SER C 348 -23.87 -7.89 32.82
CA SER C 348 -24.74 -7.62 33.97
C SER C 348 -23.91 -7.27 35.20
N LYS C 349 -22.86 -8.06 35.47
CA LYS C 349 -22.01 -7.86 36.63
C LYS C 349 -21.00 -6.73 36.42
N PHE C 350 -20.43 -6.64 35.22
CA PHE C 350 -19.42 -5.63 34.94
C PHE C 350 -19.99 -4.23 35.11
N PHE C 351 -21.18 -3.99 34.56
CA PHE C 351 -21.79 -2.66 34.62
C PHE C 351 -22.83 -2.54 35.72
N ASN C 352 -23.15 -3.62 36.42
CA ASN C 352 -24.29 -3.72 37.34
C ASN C 352 -25.60 -3.40 36.64
N ILE C 353 -26.19 -4.40 35.98
CA ILE C 353 -27.41 -4.27 35.19
C ILE C 353 -28.23 -5.54 35.39
N ASN C 354 -29.48 -5.40 35.80
CA ASN C 354 -30.36 -6.57 35.89
C ASN C 354 -31.80 -6.20 35.58
ZN ZN D . 4.42 16.39 -31.81
ZN ZN E . 13.15 -12.82 10.63
ZN ZN F . -16.54 1.23 18.60
CAA VR7 G . -17.43 6.76 8.36
CAB VR7 G . -17.01 6.20 7.17
CAC VR7 G . -15.66 5.86 7.02
CAD VR7 G . -14.77 6.09 8.06
CAE VR7 G . -15.21 6.65 9.25
CAF VR7 G . -16.54 6.98 9.41
CAH VR7 G . -18.01 5.94 6.04
CAK VR7 G . -17.03 7.62 10.70
CAL VR7 G . -16.22 7.69 11.89
CAM VR7 G . -16.85 8.33 12.98
CAO VR7 G . -18.31 8.20 10.83
OAG VR7 G . -15.22 5.29 5.82
OAI VR7 G . -19.12 6.54 6.06
OAJ VR7 G . -17.75 5.14 5.10
SAN VR7 G . -18.38 8.79 12.43
#